data_6BP2
#
_entry.id   6BP2
#
_cell.length_a   133.796
_cell.length_b   133.796
_cell.length_c   151.003
_cell.angle_alpha   90.00
_cell.angle_beta   90.00
_cell.angle_gamma   120.00
#
_symmetry.space_group_name_H-M   'P 3 2 1'
#
loop_
_entity.id
_entity.type
_entity.pdbx_description
1 polymer 'Envelope glycoprotein'
2 polymer 'Envelope glycoprotein GP2'
3 polymer 'MR191 Fab Heavy Chain'
4 polymer 'MR191 Fab Light Chain'
5 branched beta-D-mannopyranose-(1-4)-2-acetamido-2-deoxy-beta-D-glucopyranose-(1-4)-2-acetamido-2-deoxy-beta-D-glucopyranose
6 branched 2-acetamido-2-deoxy-beta-D-glucopyranose-(1-4)-2-acetamido-2-deoxy-beta-D-glucopyranose
7 branched alpha-D-mannopyranose-(1-3)-[alpha-D-mannopyranose-(1-6)]beta-D-mannopyranose
#
loop_
_entity_poly.entity_id
_entity_poly.type
_entity_poly.pdbx_seq_one_letter_code
_entity_poly.pdbx_strand_id
1 'polypeptide(L)'
;KTLPVLEIASNSQPQDVDSVCSGTLQKTEDVHLMGFTLSGQKVADSPLEASKRWAFRTGVPPKNVEYTEGEEAKTCYNIS
VTDPSGKSLLLDPPSNIRDYPKCKTVHHIQGQNPHAQGIALHLWGAFFLYDRVASTTMYRGKVFTEGNIAAMIVNKTVHR
MIFSRQGQGYRHMNLTSTNKYWTSSNETQRNDTGCFGILQEYNSTNNQTCPPSLKPPSLPTVTPSIHSTNTQINTAKSGT
RPPIYFRKKR
;
A
2 'polypeptide(L)'
;SILAKEGDIGPNLDGLINTEIDFDPIPNTETIFDESPSFNTSTNEEQHTPPNISLTFSYFPDKNGDTAYSGENENDCDAE
LRIWSVQEDDLAAGLSWIPFFGPGIEGLYTAGLIKNQNNLVCRLRRLANQTAKSLELLLRVTTEERTFSLINRHAIDFLL
TRWGGTCKVLGPDCCIGIEDLSKNISEQIDKIRKDEQKEETG
;
B
3 'polypeptide(L)'
;QLQLQESGPGLVKPSETLSLSCTVSGVSISDNSYYWGWIRQPPGKGLEWIGTISYSGNTYYNPSLKSRVSISGDTSKHQL
SLKVSSVTAADTAVYYCARQRIVSGFVEWLSKFDYWGQGTLVTVSSASTKGPSVFPLAPSSKSTSGGTAALGCLVKDYFP
EPVTVSWNSGALTSGVHTFPAVLQSSGLYSLSSVVTVPSSSLGTQTYICNVNHKPSNTKVDKKVEPKSC
;
H
4 'polypeptide(L)'
;QSVLTQPPSVSGAPGQRVTISCTGSSSNIGAGFDVHWYQQLPGTAPKLLIYDNNNRPSGVPDRFSGSKSGTSASLAITGL
QAEDEADYYCQSYDTSLSGPVVFGGGTKLTVLQPKAAPSVTLFPPSSEELQANKATLVCLISDFYPGAVTVAWKADSSPI
KAGVETTTPSKQSNNKYAASSYLSLTPEQWKSHRSYSCQVTHEGSTVEKTVAPTECS
;
L
#
# COMPACT_ATOMS: atom_id res chain seq x y z
N VAL A 17 -38.24 34.01 -18.92
CA VAL A 17 -39.33 34.89 -18.47
C VAL A 17 -39.62 34.61 -16.98
N ASP A 18 -40.04 35.61 -16.22
CA ASP A 18 -40.22 35.40 -14.78
C ASP A 18 -41.58 34.87 -14.34
N SER A 19 -42.42 34.55 -15.31
CA SER A 19 -43.78 34.12 -15.05
C SER A 19 -43.90 32.68 -14.61
N VAL A 20 -44.86 32.40 -13.72
CA VAL A 20 -45.19 31.02 -13.33
C VAL A 20 -45.44 30.12 -14.52
N CYS A 21 -46.01 30.68 -15.59
CA CYS A 21 -46.34 29.89 -16.77
C CYS A 21 -45.18 29.65 -17.69
N SER A 22 -44.07 30.29 -17.39
CA SER A 22 -42.92 30.16 -18.25
C SER A 22 -42.36 28.77 -18.02
N GLY A 23 -42.25 28.02 -19.08
CA GLY A 23 -41.75 26.66 -18.98
C GLY A 23 -42.86 25.67 -19.24
N THR A 24 -42.52 24.61 -19.94
CA THR A 24 -43.48 23.59 -20.27
C THR A 24 -42.97 22.19 -19.87
N LEU A 25 -43.84 21.42 -19.25
CA LEU A 25 -43.52 20.06 -18.87
C LEU A 25 -44.49 19.07 -19.52
N GLN A 26 -44.07 18.45 -20.62
CA GLN A 26 -44.96 17.55 -21.37
C GLN A 26 -45.03 16.13 -20.81
N LYS A 27 -43.89 15.54 -20.46
CA LYS A 27 -43.93 14.24 -19.78
C LYS A 27 -43.18 14.32 -18.50
N THR A 28 -43.41 13.36 -17.60
CA THR A 28 -42.67 13.29 -16.34
C THR A 28 -41.20 13.01 -16.59
N GLU A 29 -40.92 12.28 -17.68
CA GLU A 29 -39.56 11.97 -18.14
C GLU A 29 -38.69 13.21 -18.28
N ASP A 30 -39.32 14.35 -18.56
CA ASP A 30 -38.63 15.60 -18.78
C ASP A 30 -38.22 16.29 -17.46
N VAL A 31 -38.53 15.67 -16.32
CA VAL A 31 -38.02 16.19 -15.07
C VAL A 31 -36.65 15.51 -14.86
N HIS A 32 -35.63 16.31 -14.70
CA HIS A 32 -34.31 15.76 -14.54
C HIS A 32 -33.71 16.29 -13.26
N LEU A 33 -33.13 15.36 -12.50
CA LEU A 33 -32.53 15.64 -11.22
C LEU A 33 -31.08 15.37 -11.39
N MET A 34 -30.28 16.41 -11.31
CA MET A 34 -28.87 16.23 -11.54
C MET A 34 -28.07 16.27 -10.30
N GLY A 35 -27.10 15.35 -10.18
CA GLY A 35 -26.23 15.29 -9.04
C GLY A 35 -24.93 16.02 -9.33
N PHE A 36 -24.63 17.01 -8.52
CA PHE A 36 -23.41 17.79 -8.69
C PHE A 36 -22.52 17.49 -7.50
N THR A 37 -21.22 17.35 -7.74
CA THR A 37 -20.33 16.96 -6.65
C THR A 37 -19.87 18.13 -5.82
N LEU A 38 -19.35 17.84 -4.63
CA LEU A 38 -18.75 18.88 -3.80
C LEU A 38 -17.36 19.20 -4.31
N SER A 39 -16.76 18.26 -5.01
CA SER A 39 -15.47 18.57 -5.59
C SER A 39 -15.66 19.64 -6.70
N GLY A 40 -16.77 19.52 -7.39
CA GLY A 40 -17.12 20.53 -8.36
C GLY A 40 -17.47 21.84 -7.67
N GLN A 41 -17.51 21.87 -6.36
CA GLN A 41 -17.81 23.08 -5.66
C GLN A 41 -16.56 23.46 -4.93
N LYS A 42 -15.39 23.18 -5.56
CA LYS A 42 -14.05 23.48 -5.09
C LYS A 42 -13.90 23.23 -3.59
N VAL A 43 -14.41 22.09 -3.14
CA VAL A 43 -14.31 21.64 -1.75
C VAL A 43 -13.21 20.56 -1.63
N ALA A 44 -12.36 20.67 -0.59
CA ALA A 44 -11.29 19.68 -0.42
C ALA A 44 -11.88 18.27 -0.33
N ASP A 45 -11.37 17.39 -1.18
CA ASP A 45 -11.87 16.02 -1.25
C ASP A 45 -10.85 14.91 -0.88
N SER A 46 -9.69 15.29 -0.32
CA SER A 46 -8.70 14.31 0.09
C SER A 46 -9.33 13.48 1.18
N PRO A 47 -9.14 12.15 1.23
CA PRO A 47 -9.73 11.26 2.21
C PRO A 47 -9.64 11.72 3.64
N LEU A 48 -8.50 12.27 4.01
CA LEU A 48 -8.35 12.77 5.36
C LEU A 48 -9.18 14.03 5.62
N GLU A 49 -9.41 14.82 4.58
CA GLU A 49 -10.22 16.02 4.69
C GLU A 49 -11.68 15.69 4.58
N ALA A 50 -12.01 14.86 3.61
CA ALA A 50 -13.36 14.42 3.31
C ALA A 50 -14.01 13.77 4.51
N SER A 51 -13.24 12.93 5.20
CA SER A 51 -13.72 12.24 6.36
C SER A 51 -14.03 13.16 7.53
N LYS A 52 -13.54 14.39 7.50
CA LYS A 52 -13.85 15.32 8.58
C LYS A 52 -15.30 15.79 8.48
N ARG A 53 -15.95 15.50 7.34
CA ARG A 53 -17.34 15.86 7.12
C ARG A 53 -18.28 14.72 7.41
N TRP A 54 -17.75 13.57 7.83
CA TRP A 54 -18.59 12.41 8.04
C TRP A 54 -18.61 12.10 9.54
N ALA A 55 -19.75 11.66 10.06
CA ALA A 55 -19.84 11.43 11.49
C ALA A 55 -20.91 10.41 11.87
N PHE A 56 -20.68 9.71 12.98
CA PHE A 56 -21.63 8.71 13.42
C PHE A 56 -22.65 9.18 14.44
N ARG A 57 -23.87 8.67 14.29
CA ARG A 57 -24.97 9.09 15.13
C ARG A 57 -26.14 8.14 15.11
N THR A 58 -26.81 8.07 16.26
CA THR A 58 -27.99 7.26 16.42
C THR A 58 -29.26 8.12 16.44
N GLY A 59 -30.39 7.46 16.27
CA GLY A 59 -31.70 8.13 16.31
C GLY A 59 -32.12 8.75 14.99
N VAL A 60 -31.31 8.57 13.97
CA VAL A 60 -31.63 9.11 12.66
C VAL A 60 -31.79 7.97 11.69
N PRO A 61 -32.91 7.96 10.98
CA PRO A 61 -33.17 6.90 10.00
C PRO A 61 -32.65 7.35 8.65
N PRO A 62 -31.81 6.51 8.04
CA PRO A 62 -31.24 6.86 6.75
C PRO A 62 -32.33 6.97 5.68
N LYS A 63 -32.23 7.99 4.84
CA LYS A 63 -33.19 8.16 3.77
C LYS A 63 -32.49 8.17 2.44
N ASN A 64 -33.16 7.61 1.44
CA ASN A 64 -32.64 7.59 0.08
C ASN A 64 -33.61 8.25 -0.88
N VAL A 65 -33.08 8.85 -1.96
CA VAL A 65 -33.92 9.51 -2.98
C VAL A 65 -33.36 9.36 -4.38
N GLU A 66 -34.22 9.04 -5.32
CA GLU A 66 -33.76 8.78 -6.67
C GLU A 66 -33.50 10.03 -7.49
N TYR A 67 -32.44 10.01 -8.29
CA TYR A 67 -32.14 11.13 -9.19
C TYR A 67 -31.83 10.57 -10.60
N THR A 68 -31.62 11.43 -11.60
CA THR A 68 -31.56 10.95 -12.99
C THR A 68 -30.22 11.05 -13.72
N GLU A 69 -29.48 12.12 -13.48
CA GLU A 69 -28.18 12.32 -14.13
C GLU A 69 -27.19 12.89 -13.14
N GLY A 70 -25.90 12.76 -13.43
CA GLY A 70 -24.95 13.31 -12.47
C GLY A 70 -23.63 13.70 -13.09
N GLU A 71 -22.87 14.45 -12.35
CA GLU A 71 -21.60 14.91 -12.83
C GLU A 71 -20.60 13.80 -12.71
N GLU A 72 -19.64 13.76 -13.63
CA GLU A 72 -18.57 12.79 -13.57
C GLU A 72 -17.84 13.17 -12.29
N ALA A 73 -17.55 12.19 -11.44
CA ALA A 73 -16.93 12.52 -10.15
C ALA A 73 -15.42 12.57 -10.20
N LYS A 74 -14.85 13.52 -9.47
CA LYS A 74 -13.42 13.67 -9.40
C LYS A 74 -12.91 12.58 -8.51
N THR A 75 -13.41 12.55 -7.28
CA THR A 75 -13.04 11.48 -6.42
C THR A 75 -14.25 10.80 -5.77
N CYS A 76 -14.07 9.53 -5.48
CA CYS A 76 -15.06 8.71 -4.83
C CYS A 76 -14.45 7.91 -3.72
N TYR A 77 -15.30 7.31 -2.90
CA TYR A 77 -14.83 6.51 -1.78
C TYR A 77 -15.55 5.18 -1.69
N ASN A 78 -14.78 4.15 -1.39
CA ASN A 78 -15.32 2.79 -1.22
C ASN A 78 -14.96 2.41 0.20
N ILE A 79 -15.88 2.64 1.12
CA ILE A 79 -15.56 2.53 2.53
C ILE A 79 -16.27 1.46 3.34
N SER A 80 -15.51 0.82 4.22
CA SER A 80 -16.08 -0.10 5.21
C SER A 80 -15.52 0.24 6.58
N VAL A 81 -16.42 0.50 7.52
CA VAL A 81 -16.06 0.87 8.87
C VAL A 81 -16.80 0.04 9.85
N THR A 82 -16.11 -0.55 10.79
CA THR A 82 -16.82 -1.34 11.77
C THR A 82 -16.56 -0.79 13.15
N ASP A 83 -17.02 -1.57 14.10
CA ASP A 83 -16.73 -1.35 15.49
C ASP A 83 -15.56 -2.30 15.75
N PRO A 84 -14.93 -2.23 16.91
CA PRO A 84 -13.81 -3.12 17.20
C PRO A 84 -14.14 -4.60 17.01
N SER A 85 -15.36 -5.00 17.34
CA SER A 85 -15.72 -6.42 17.24
C SER A 85 -15.85 -6.92 15.78
N GLY A 86 -15.70 -6.04 14.81
CA GLY A 86 -15.79 -6.43 13.41
C GLY A 86 -17.17 -6.19 12.78
N LYS A 87 -18.14 -5.73 13.59
CA LYS A 87 -19.47 -5.53 13.06
C LYS A 87 -19.51 -4.19 12.41
N SER A 88 -20.04 -4.15 11.20
CA SER A 88 -20.05 -2.90 10.50
C SER A 88 -20.88 -1.81 11.18
N LEU A 89 -20.31 -0.60 11.18
CA LEU A 89 -21.00 0.59 11.61
C LEU A 89 -21.75 1.21 10.42
N LEU A 90 -21.49 0.66 9.22
CA LEU A 90 -22.16 1.16 8.05
C LEU A 90 -23.21 0.17 7.66
N LEU A 91 -24.30 0.69 7.13
CA LEU A 91 -25.44 -0.12 6.72
C LEU A 91 -25.15 -0.93 5.50
N ASP A 92 -25.74 -2.11 5.44
CA ASP A 92 -25.58 -2.94 4.25
C ASP A 92 -26.37 -2.26 3.14
N PRO A 93 -25.83 -2.24 1.93
CA PRO A 93 -26.50 -1.58 0.81
C PRO A 93 -27.78 -2.28 0.34
N PRO A 94 -28.80 -1.49 0.05
CA PRO A 94 -30.09 -2.00 -0.44
C PRO A 94 -29.96 -2.44 -1.89
N SER A 95 -30.84 -3.33 -2.34
CA SER A 95 -30.76 -3.80 -3.73
C SER A 95 -30.44 -2.73 -4.77
N ASN A 96 -31.10 -1.58 -4.67
CA ASN A 96 -30.99 -0.48 -5.61
C ASN A 96 -29.73 0.41 -5.49
N ILE A 97 -28.79 0.08 -4.59
CA ILE A 97 -27.54 0.86 -4.48
C ILE A 97 -26.44 0.22 -5.32
N ARG A 98 -26.01 0.98 -6.31
CA ARG A 98 -24.94 0.53 -7.18
C ARG A 98 -23.78 1.52 -7.05
N ASP A 99 -22.57 1.07 -7.38
CA ASP A 99 -21.42 1.96 -7.32
C ASP A 99 -21.62 3.19 -8.21
N TYR A 100 -21.06 4.33 -7.79
CA TYR A 100 -21.22 5.54 -8.56
C TYR A 100 -20.70 5.26 -9.96
N PRO A 101 -21.46 5.70 -10.94
CA PRO A 101 -21.17 5.50 -12.35
C PRO A 101 -19.85 5.90 -12.93
N LYS A 102 -19.38 7.09 -12.62
CA LYS A 102 -18.14 7.55 -13.24
C LYS A 102 -17.24 8.29 -12.25
N CYS A 103 -16.28 7.55 -11.69
CA CYS A 103 -15.31 8.12 -10.77
C CYS A 103 -13.95 8.12 -11.39
N LYS A 104 -13.24 9.24 -11.27
CA LYS A 104 -11.90 9.29 -11.81
C LYS A 104 -10.92 8.59 -10.89
N THR A 105 -11.06 8.84 -9.58
CA THR A 105 -10.19 8.19 -8.60
C THR A 105 -11.00 7.70 -7.39
N VAL A 106 -10.93 6.39 -7.11
CA VAL A 106 -11.64 5.84 -5.96
C VAL A 106 -10.70 5.65 -4.77
N HIS A 107 -11.16 6.03 -3.60
CA HIS A 107 -10.41 5.84 -2.38
C HIS A 107 -11.02 4.73 -1.58
N HIS A 108 -10.35 3.59 -1.61
CA HIS A 108 -10.75 2.38 -0.93
C HIS A 108 -10.22 2.46 0.47
N ILE A 109 -11.11 2.40 1.42
CA ILE A 109 -10.75 2.51 2.83
C ILE A 109 -11.44 1.42 3.66
N GLN A 110 -10.69 0.75 4.51
CA GLN A 110 -11.30 -0.28 5.32
C GLN A 110 -10.67 -0.26 6.69
N GLY A 111 -11.48 -0.11 7.73
CA GLY A 111 -10.96 -0.05 9.10
C GLY A 111 -11.99 -0.17 10.19
N GLN A 112 -11.61 0.24 11.41
CA GLN A 112 -12.51 0.15 12.56
C GLN A 112 -12.49 1.40 13.42
N ASN A 113 -13.57 1.63 14.15
CA ASN A 113 -13.67 2.78 15.04
C ASN A 113 -13.73 2.30 16.48
N PRO A 114 -12.84 2.84 17.31
CA PRO A 114 -12.75 2.44 18.72
C PRO A 114 -13.97 2.77 19.57
N HIS A 115 -14.56 3.95 19.38
CA HIS A 115 -15.72 4.33 20.17
C HIS A 115 -16.73 5.17 19.40
N ALA A 116 -17.39 4.56 18.43
CA ALA A 116 -18.41 5.25 17.64
C ALA A 116 -19.69 4.45 17.58
N GLN A 117 -20.84 5.12 17.54
CA GLN A 117 -22.10 4.40 17.46
C GLN A 117 -23.13 5.03 16.54
N GLY A 118 -23.86 4.19 15.83
CA GLY A 118 -24.91 4.63 14.94
C GLY A 118 -24.49 4.47 13.50
N ILE A 119 -24.93 5.40 12.65
CA ILE A 119 -24.64 5.35 11.22
C ILE A 119 -23.93 6.60 10.76
N ALA A 120 -23.31 6.52 9.58
CA ALA A 120 -22.54 7.63 9.04
C ALA A 120 -23.45 8.68 8.42
N LEU A 121 -23.44 9.88 8.98
CA LEU A 121 -24.27 10.96 8.46
C LEU A 121 -23.42 12.12 8.01
N HIS A 122 -23.68 12.63 6.80
CA HIS A 122 -22.91 13.76 6.32
C HIS A 122 -23.25 14.99 7.14
N LEU A 123 -22.21 15.68 7.59
CA LEU A 123 -22.35 16.88 8.42
C LEU A 123 -22.96 18.09 7.74
N TRP A 124 -22.64 18.30 6.48
CA TRP A 124 -23.07 19.48 5.77
C TRP A 124 -24.52 19.38 5.33
N GLY A 125 -25.10 18.20 5.46
CA GLY A 125 -26.44 17.95 4.98
C GLY A 125 -26.41 17.55 3.51
N ALA A 126 -25.19 17.41 2.96
CA ALA A 126 -25.00 16.97 1.60
C ALA A 126 -25.33 15.51 1.49
N PHE A 127 -25.37 15.02 0.29
CA PHE A 127 -25.77 13.64 0.09
C PHE A 127 -24.63 12.73 -0.32
N PHE A 128 -24.79 11.46 0.01
CA PHE A 128 -23.83 10.46 -0.41
C PHE A 128 -24.40 9.97 -1.72
N LEU A 129 -23.65 10.16 -2.80
CA LEU A 129 -24.19 9.85 -4.11
C LEU A 129 -23.70 8.55 -4.63
N TYR A 130 -24.62 7.73 -5.13
CA TYR A 130 -24.28 6.45 -5.71
C TYR A 130 -24.75 6.47 -7.16
N ASP A 131 -25.21 5.33 -7.68
CA ASP A 131 -25.67 5.31 -9.06
C ASP A 131 -27.16 5.61 -9.05
N ARG A 132 -27.49 6.84 -9.42
CA ARG A 132 -28.86 7.37 -9.49
C ARG A 132 -29.64 7.27 -8.18
N VAL A 133 -28.93 7.41 -7.05
CA VAL A 133 -29.52 7.34 -5.72
C VAL A 133 -28.69 8.19 -4.77
N ALA A 134 -29.35 9.11 -4.09
CA ALA A 134 -28.69 9.99 -3.14
C ALA A 134 -29.09 9.55 -1.75
N SER A 135 -28.19 9.64 -0.79
CA SER A 135 -28.55 9.20 0.53
C SER A 135 -28.06 10.04 1.66
N THR A 136 -28.78 9.99 2.78
CA THR A 136 -28.35 10.74 3.96
C THR A 136 -27.25 9.95 4.70
N THR A 137 -26.95 8.72 4.26
CA THR A 137 -25.93 7.91 4.91
C THR A 137 -25.01 7.14 3.96
N MET A 138 -23.91 6.69 4.54
CA MET A 138 -22.88 5.95 3.83
C MET A 138 -23.11 4.45 3.88
N TYR A 139 -23.15 3.82 2.71
CA TYR A 139 -23.37 2.40 2.66
C TYR A 139 -22.06 1.65 2.52
N ARG A 140 -21.96 0.59 3.32
CA ARG A 140 -20.77 -0.22 3.39
C ARG A 140 -20.37 -0.83 2.07
N GLY A 141 -19.16 -0.54 1.62
CA GLY A 141 -18.61 -1.18 0.44
C GLY A 141 -19.15 -0.68 -0.87
N LYS A 142 -19.83 0.44 -0.86
CA LYS A 142 -20.30 0.99 -2.12
C LYS A 142 -19.61 2.28 -2.44
N VAL A 143 -19.30 2.43 -3.72
CA VAL A 143 -18.60 3.59 -4.20
C VAL A 143 -19.50 4.79 -4.21
N PHE A 144 -19.05 5.86 -3.58
CA PHE A 144 -19.85 7.06 -3.56
C PHE A 144 -19.05 8.32 -3.72
N THR A 145 -19.73 9.41 -3.94
CA THR A 145 -19.07 10.71 -3.99
C THR A 145 -20.00 11.66 -3.28
N GLU A 146 -19.48 12.73 -2.76
CA GLU A 146 -20.36 13.64 -2.05
C GLU A 146 -20.99 14.64 -3.03
N GLY A 147 -22.22 15.05 -2.77
CA GLY A 147 -22.82 16.04 -3.66
C GLY A 147 -24.21 16.48 -3.25
N ASN A 148 -24.84 17.28 -4.12
CA ASN A 148 -26.20 17.75 -3.91
C ASN A 148 -26.94 17.59 -5.21
N ILE A 149 -28.28 17.64 -5.21
CA ILE A 149 -28.94 17.48 -6.48
C ILE A 149 -29.81 18.69 -6.80
N ALA A 150 -30.11 18.91 -8.08
CA ALA A 150 -30.94 20.03 -8.51
C ALA A 150 -31.98 19.59 -9.53
N ALA A 151 -33.18 20.16 -9.43
CA ALA A 151 -34.26 19.78 -10.33
C ALA A 151 -34.47 20.77 -11.46
N MET A 152 -34.75 20.24 -12.66
CA MET A 152 -34.96 21.09 -13.81
C MET A 152 -35.76 20.41 -14.92
N ILE A 153 -36.25 21.21 -15.86
CA ILE A 153 -37.00 20.66 -16.97
C ILE A 153 -36.15 20.60 -18.23
N VAL A 154 -35.98 19.41 -18.78
CA VAL A 154 -35.24 19.28 -20.01
C VAL A 154 -36.07 18.41 -20.94
N ASN A 155 -36.43 18.91 -22.11
CA ASN A 155 -37.19 18.04 -23.00
C ASN A 155 -36.22 17.09 -23.66
N LYS A 156 -36.75 16.08 -24.33
CA LYS A 156 -35.95 15.08 -25.02
C LYS A 156 -35.04 15.70 -26.06
N THR A 157 -35.55 16.68 -26.79
CA THR A 157 -34.74 17.31 -27.83
C THR A 157 -33.51 17.94 -27.23
N VAL A 158 -33.70 18.66 -26.12
CA VAL A 158 -32.57 19.28 -25.44
C VAL A 158 -31.64 18.19 -24.89
N HIS A 159 -32.24 17.15 -24.33
CA HIS A 159 -31.51 16.04 -23.76
C HIS A 159 -30.68 15.31 -24.81
N ARG A 160 -31.25 15.11 -25.98
CA ARG A 160 -30.55 14.41 -27.06
C ARG A 160 -29.32 15.19 -27.53
N MET A 161 -29.42 16.50 -27.61
CA MET A 161 -28.26 17.25 -28.04
C MET A 161 -27.08 17.15 -27.06
N ILE A 162 -27.35 17.29 -25.77
CA ILE A 162 -26.28 17.21 -24.78
C ILE A 162 -25.58 15.86 -24.75
N PHE A 163 -26.28 14.84 -24.27
CA PHE A 163 -25.74 13.49 -24.18
C PHE A 163 -25.41 12.77 -25.49
N SER A 164 -26.25 12.93 -26.51
CA SER A 164 -26.04 12.29 -27.81
C SER A 164 -25.75 10.80 -27.72
N ASP B 34 -40.32 29.26 -7.33
CA ASP B 34 -41.23 29.67 -8.41
C ASP B 34 -41.83 28.45 -9.09
N GLU B 35 -40.97 27.76 -9.84
CA GLU B 35 -41.34 26.60 -10.60
C GLU B 35 -40.07 25.94 -11.13
N SER B 36 -40.09 24.61 -11.28
CA SER B 36 -38.88 23.93 -11.77
C SER B 36 -38.30 24.73 -12.92
N PRO B 37 -37.02 25.16 -12.81
CA PRO B 37 -36.32 25.87 -13.84
C PRO B 37 -36.26 25.07 -15.09
N SER B 38 -36.14 25.72 -16.24
CA SER B 38 -36.04 24.97 -17.48
C SER B 38 -34.68 25.23 -18.11
N PHE B 39 -34.29 24.25 -18.91
CA PHE B 39 -33.02 24.26 -19.57
C PHE B 39 -33.20 24.13 -21.09
N ASN B 40 -33.20 25.27 -21.76
CA ASN B 40 -33.45 25.36 -23.18
C ASN B 40 -32.20 25.43 -23.99
N THR B 41 -32.37 25.34 -25.30
CA THR B 41 -31.26 25.42 -26.22
C THR B 41 -31.29 26.73 -27.01
N SER B 42 -30.32 27.60 -26.73
CA SER B 42 -30.19 28.89 -27.40
C SER B 42 -31.45 29.73 -27.30
N THR B 43 -31.90 30.28 -28.43
CA THR B 43 -33.07 31.14 -28.46
C THR B 43 -34.27 30.39 -29.02
N ASN B 52 -21.51 24.91 -31.40
CA ASN B 52 -22.86 24.37 -31.29
C ASN B 52 -23.31 24.26 -29.83
N ILE B 53 -24.56 23.83 -29.63
CA ILE B 53 -25.16 23.60 -28.32
C ILE B 53 -25.15 24.85 -27.45
N SER B 54 -25.97 25.81 -27.80
CA SER B 54 -26.12 26.99 -26.96
C SER B 54 -27.15 26.62 -25.92
N LEU B 55 -26.95 26.99 -24.68
CA LEU B 55 -27.86 26.57 -23.62
C LEU B 55 -28.36 27.73 -22.77
N THR B 56 -29.60 27.58 -22.33
CA THR B 56 -30.25 28.57 -21.51
C THR B 56 -30.78 27.97 -20.25
N PHE B 57 -30.49 28.61 -19.13
CA PHE B 57 -30.97 28.11 -17.86
C PHE B 57 -31.70 29.19 -17.10
N SER B 58 -33.00 28.99 -16.94
CA SER B 58 -33.90 29.97 -16.36
C SER B 58 -33.69 30.33 -14.88
N TYR B 59 -32.91 29.55 -14.13
CA TYR B 59 -32.75 29.89 -12.71
C TYR B 59 -31.60 30.83 -12.46
N PHE B 60 -31.92 31.91 -11.73
CA PHE B 60 -30.96 32.90 -11.29
C PHE B 60 -31.10 33.08 -9.79
N PRO B 61 -30.04 32.80 -9.00
CA PRO B 61 -30.03 32.91 -7.56
C PRO B 61 -30.27 34.32 -7.06
N ASP B 62 -30.20 35.29 -7.97
CA ASP B 62 -30.53 36.68 -7.67
C ASP B 62 -32.00 36.83 -7.24
N LYS B 63 -32.81 35.82 -7.56
CA LYS B 63 -34.22 35.80 -7.21
C LYS B 63 -34.53 34.74 -6.12
N SER B 70 -30.35 35.99 -1.71
CA SER B 70 -29.19 35.13 -1.89
C SER B 70 -27.99 35.89 -2.45
N GLY B 71 -26.96 36.07 -1.62
CA GLY B 71 -25.77 36.79 -2.06
C GLY B 71 -24.89 35.92 -2.95
N GLU B 72 -25.12 36.00 -4.26
CA GLU B 72 -24.37 35.22 -5.23
C GLU B 72 -23.67 36.03 -6.34
N ASN B 73 -22.35 35.97 -6.35
CA ASN B 73 -21.52 36.69 -7.31
C ASN B 73 -20.23 35.95 -7.60
N GLU B 74 -19.58 36.31 -8.70
CA GLU B 74 -18.32 35.74 -9.15
C GLU B 74 -18.35 34.23 -9.37
N ASN B 75 -17.31 33.53 -8.92
CA ASN B 75 -17.19 32.08 -9.15
C ASN B 75 -16.58 31.20 -8.03
N ASP B 76 -17.32 30.16 -7.65
CA ASP B 76 -16.89 29.16 -6.67
C ASP B 76 -17.24 27.79 -7.27
N CYS B 77 -17.00 27.64 -8.57
CA CYS B 77 -17.42 26.47 -9.36
C CYS B 77 -16.57 26.30 -10.62
N ASP B 78 -16.53 25.08 -11.19
CA ASP B 78 -15.72 24.87 -12.37
C ASP B 78 -16.62 25.13 -13.54
N ALA B 79 -16.13 25.87 -14.53
CA ALA B 79 -16.93 26.16 -15.72
C ALA B 79 -17.26 24.85 -16.43
N GLU B 80 -16.28 23.96 -16.54
CA GLU B 80 -16.49 22.69 -17.15
C GLU B 80 -17.42 21.84 -16.28
N LEU B 81 -18.35 21.18 -16.94
CA LEU B 81 -19.33 20.28 -16.38
C LEU B 81 -19.56 19.05 -17.24
N ARG B 82 -18.83 17.99 -16.95
CA ARG B 82 -19.03 16.76 -17.69
C ARG B 82 -19.96 15.92 -16.89
N ILE B 83 -20.89 15.28 -17.57
CA ILE B 83 -21.96 14.56 -16.93
C ILE B 83 -22.33 13.23 -17.57
N TRP B 84 -23.06 12.41 -16.83
CA TRP B 84 -23.47 11.10 -17.32
C TRP B 84 -24.97 10.88 -17.18
N SER B 85 -25.55 10.15 -18.13
CA SER B 85 -26.96 9.84 -18.13
C SER B 85 -27.17 8.44 -18.69
N VAL B 86 -28.24 7.78 -18.26
CA VAL B 86 -28.49 6.44 -18.76
C VAL B 86 -28.89 6.45 -20.22
N GLN B 87 -28.24 5.59 -21.01
CA GLN B 87 -28.52 5.45 -22.42
C GLN B 87 -30.01 5.36 -22.73
N GLU B 88 -30.56 6.45 -23.27
CA GLU B 88 -31.96 6.52 -23.67
C GLU B 88 -32.05 6.50 -25.19
N ASP B 89 -31.02 5.95 -25.84
CA ASP B 89 -30.96 5.89 -27.30
C ASP B 89 -32.10 5.05 -27.87
N ASP B 90 -32.57 5.44 -29.04
CA ASP B 90 -33.68 4.75 -29.70
C ASP B 90 -33.24 3.77 -30.78
N LEU B 91 -33.15 2.50 -30.40
CA LEU B 91 -32.78 1.41 -31.30
C LEU B 91 -31.46 1.63 -32.04
N ALA B 92 -30.47 2.18 -31.35
CA ALA B 92 -29.18 2.41 -31.97
C ALA B 92 -28.55 1.08 -32.36
N ALA B 93 -28.70 0.08 -31.50
CA ALA B 93 -28.21 -1.27 -31.78
C ALA B 93 -29.35 -2.18 -32.26
N GLY B 94 -30.53 -1.59 -32.43
CA GLY B 94 -31.70 -2.32 -32.87
C GLY B 94 -32.41 -3.05 -31.74
N LEU B 95 -31.65 -3.91 -31.06
CA LEU B 95 -32.16 -4.69 -29.94
C LEU B 95 -31.74 -4.10 -28.59
N SER B 96 -31.25 -2.86 -28.62
CA SER B 96 -30.75 -2.18 -27.43
C SER B 96 -31.77 -2.04 -26.30
N TRP B 97 -33.04 -1.85 -26.65
CA TRP B 97 -34.07 -1.70 -25.63
C TRP B 97 -34.19 -2.92 -24.71
N ILE B 98 -34.03 -4.12 -25.27
CA ILE B 98 -34.12 -5.35 -24.49
C ILE B 98 -32.99 -5.46 -23.47
N PRO B 99 -33.36 -5.63 -22.21
CA PRO B 99 -32.43 -5.77 -21.10
C PRO B 99 -31.26 -6.67 -21.38
N PHE B 100 -31.57 -7.85 -21.89
CA PHE B 100 -30.59 -8.86 -22.25
C PHE B 100 -29.59 -8.35 -23.27
N PHE B 101 -30.07 -7.66 -24.29
CA PHE B 101 -29.22 -7.12 -25.33
C PHE B 101 -28.73 -5.72 -25.00
N GLY B 102 -29.14 -5.23 -23.83
CA GLY B 102 -28.69 -3.95 -23.32
C GLY B 102 -27.22 -4.05 -22.98
N PRO B 103 -26.57 -2.89 -22.96
CA PRO B 103 -25.13 -2.86 -22.71
C PRO B 103 -24.69 -3.46 -21.38
N GLY B 104 -25.49 -3.29 -20.35
CA GLY B 104 -25.12 -3.75 -19.01
C GLY B 104 -24.59 -2.56 -18.20
N ILE B 105 -24.35 -2.75 -16.90
CA ILE B 105 -23.89 -1.61 -16.10
C ILE B 105 -22.65 -0.89 -16.62
N GLU B 106 -21.69 -1.60 -17.17
CA GLU B 106 -20.49 -0.93 -17.65
C GLU B 106 -20.73 0.04 -18.82
N GLY B 107 -21.49 -0.37 -19.83
CA GLY B 107 -21.74 0.50 -20.99
C GLY B 107 -23.05 1.27 -20.92
N LEU B 108 -23.70 1.18 -19.77
CA LEU B 108 -24.98 1.80 -19.48
C LEU B 108 -25.07 3.29 -19.67
N TYR B 109 -23.98 4.01 -19.42
CA TYR B 109 -24.03 5.47 -19.45
C TYR B 109 -23.57 6.18 -20.70
N THR B 110 -24.17 7.35 -20.90
CA THR B 110 -23.83 8.23 -22.00
C THR B 110 -23.25 9.50 -21.43
N ALA B 111 -22.34 10.12 -22.15
CA ALA B 111 -21.66 11.32 -21.65
C ALA B 111 -22.04 12.61 -22.34
N GLY B 112 -22.13 13.69 -21.57
CA GLY B 112 -22.50 14.98 -22.09
C GLY B 112 -21.67 16.08 -21.46
N LEU B 113 -21.70 17.24 -22.09
CA LEU B 113 -20.94 18.39 -21.64
C LEU B 113 -21.73 19.66 -21.69
N ILE B 114 -21.70 20.37 -20.58
CA ILE B 114 -22.36 21.63 -20.46
C ILE B 114 -21.37 22.72 -20.16
N LYS B 115 -21.30 23.71 -21.05
CA LYS B 115 -20.36 24.81 -20.91
C LYS B 115 -20.98 25.99 -20.16
N ASN B 116 -20.12 26.81 -19.57
CA ASN B 116 -20.55 27.98 -18.82
C ASN B 116 -20.75 29.20 -19.73
N GLN B 117 -21.69 29.11 -20.68
CA GLN B 117 -21.94 30.20 -21.60
C GLN B 117 -22.47 31.47 -20.94
N ASN B 118 -23.43 31.29 -20.05
CA ASN B 118 -24.06 32.39 -19.33
C ASN B 118 -23.90 32.22 -17.83
N ASN B 119 -22.84 31.54 -17.42
CA ASN B 119 -22.52 31.22 -16.03
C ASN B 119 -23.58 30.30 -15.42
N LEU B 120 -24.38 29.70 -16.29
CA LEU B 120 -25.45 28.78 -15.92
C LEU B 120 -25.00 27.58 -15.10
N VAL B 121 -23.82 27.05 -15.43
CA VAL B 121 -23.32 25.86 -14.76
C VAL B 121 -23.17 26.15 -13.29
N CYS B 122 -22.60 27.30 -12.99
CA CYS B 122 -22.41 27.71 -11.62
C CYS B 122 -23.76 27.96 -10.99
N ARG B 123 -24.72 28.41 -11.80
CA ARG B 123 -26.03 28.62 -11.26
C ARG B 123 -26.62 27.24 -11.00
N LEU B 124 -26.34 26.28 -11.86
CA LEU B 124 -26.81 24.93 -11.67
C LEU B 124 -26.18 24.48 -10.39
N ARG B 125 -24.86 24.60 -10.32
CA ARG B 125 -24.11 24.21 -9.16
C ARG B 125 -24.65 24.84 -7.89
N ARG B 126 -24.90 26.14 -7.91
CA ARG B 126 -25.43 26.80 -6.73
C ARG B 126 -26.76 26.22 -6.38
N LEU B 127 -27.61 26.05 -7.39
CA LEU B 127 -28.95 25.50 -7.19
C LEU B 127 -28.95 24.20 -6.44
N ALA B 128 -28.06 23.31 -6.79
CA ALA B 128 -27.95 22.06 -6.08
C ALA B 128 -27.65 22.35 -4.63
N ASN B 129 -26.70 23.22 -4.35
CA ASN B 129 -26.38 23.55 -2.97
C ASN B 129 -27.56 24.04 -2.17
N GLN B 130 -28.42 24.87 -2.75
CA GLN B 130 -29.57 25.35 -2.03
C GLN B 130 -30.71 24.36 -1.96
N THR B 131 -30.85 23.50 -2.95
CA THR B 131 -31.94 22.52 -2.95
C THR B 131 -31.86 21.64 -1.70
N ALA B 132 -30.62 21.29 -1.33
CA ALA B 132 -30.27 20.44 -0.19
C ALA B 132 -31.14 20.61 1.04
N LYS B 133 -31.18 21.80 1.62
CA LYS B 133 -31.98 21.97 2.82
C LYS B 133 -33.41 21.50 2.72
N SER B 134 -34.10 21.91 1.65
CA SER B 134 -35.50 21.53 1.50
C SER B 134 -35.62 20.07 1.27
N LEU B 135 -34.65 19.52 0.59
CA LEU B 135 -34.64 18.12 0.28
C LEU B 135 -34.44 17.27 1.53
N GLU B 136 -33.54 17.70 2.43
CA GLU B 136 -33.34 17.00 3.69
C GLU B 136 -34.59 17.03 4.56
N LEU B 137 -35.24 18.20 4.60
CA LEU B 137 -36.46 18.38 5.38
C LEU B 137 -37.59 17.51 4.82
N LEU B 138 -37.67 17.41 3.51
CA LEU B 138 -38.63 16.57 2.85
C LEU B 138 -38.48 15.12 3.31
N LEU B 139 -37.24 14.65 3.25
CA LEU B 139 -36.89 13.30 3.61
C LEU B 139 -37.10 13.00 5.08
N ARG B 140 -36.93 14.01 5.93
CA ARG B 140 -37.17 13.82 7.35
C ARG B 140 -38.57 13.29 7.59
N VAL B 141 -39.52 13.91 6.89
CA VAL B 141 -40.92 13.56 6.98
C VAL B 141 -41.25 12.18 6.45
N THR B 142 -40.62 11.80 5.36
CA THR B 142 -40.81 10.47 4.78
C THR B 142 -40.36 9.35 5.73
N THR B 143 -41.11 8.26 5.81
CA THR B 143 -40.67 7.11 6.64
C THR B 143 -39.96 6.06 5.81
N GLU B 144 -40.32 6.03 4.53
CA GLU B 144 -39.73 5.16 3.56
C GLU B 144 -38.26 5.49 3.45
N GLU B 145 -37.44 4.50 3.64
CA GLU B 145 -36.02 4.72 3.61
C GLU B 145 -35.45 4.33 2.27
N ARG B 146 -35.93 3.19 1.77
CA ARG B 146 -35.45 2.53 0.55
C ARG B 146 -35.27 3.45 -0.65
N THR B 147 -36.30 4.22 -0.96
CA THR B 147 -36.22 5.17 -2.05
C THR B 147 -37.21 6.31 -1.88
N PHE B 148 -37.33 7.12 -2.91
CA PHE B 148 -38.24 8.24 -2.90
C PHE B 148 -38.30 8.80 -4.29
N SER B 149 -39.51 8.89 -4.85
CA SER B 149 -39.57 9.42 -6.19
C SER B 149 -39.77 10.92 -6.13
N LEU B 150 -38.65 11.60 -6.07
CA LEU B 150 -38.63 13.05 -6.11
C LEU B 150 -39.14 13.54 -7.45
N ILE B 151 -38.89 12.75 -8.48
CA ILE B 151 -39.27 13.02 -9.84
C ILE B 151 -40.78 13.16 -9.92
N ASN B 152 -41.53 12.15 -9.41
CA ASN B 152 -42.98 12.26 -9.46
C ASN B 152 -43.46 13.39 -8.56
N ARG B 153 -42.80 13.62 -7.43
CA ARG B 153 -43.20 14.74 -6.58
C ARG B 153 -43.11 16.07 -7.30
N HIS B 154 -42.02 16.33 -8.02
CA HIS B 154 -41.91 17.59 -8.73
C HIS B 154 -42.93 17.76 -9.82
N ALA B 155 -43.22 16.67 -10.54
CA ALA B 155 -44.20 16.69 -11.60
C ALA B 155 -45.57 17.07 -11.05
N ILE B 156 -45.94 16.48 -9.93
CA ILE B 156 -47.20 16.83 -9.29
C ILE B 156 -47.22 18.25 -8.80
N ASP B 157 -46.15 18.69 -8.12
CA ASP B 157 -46.11 20.05 -7.63
C ASP B 157 -46.18 21.09 -8.74
N PHE B 158 -45.60 20.78 -9.90
CA PHE B 158 -45.66 21.64 -11.08
C PHE B 158 -47.10 21.88 -11.47
N LEU B 159 -47.85 20.80 -11.60
CA LEU B 159 -49.25 20.90 -11.92
C LEU B 159 -50.06 21.59 -10.84
N LEU B 160 -49.77 21.30 -9.57
CA LEU B 160 -50.53 21.90 -8.48
C LEU B 160 -50.42 23.42 -8.48
N THR B 161 -49.23 23.93 -8.76
CA THR B 161 -49.03 25.37 -8.77
C THR B 161 -49.85 26.06 -9.85
N ARG B 162 -49.92 25.45 -11.03
CA ARG B 162 -50.67 26.02 -12.15
C ARG B 162 -52.14 25.60 -12.23
N TRP B 163 -52.55 24.64 -11.41
CA TRP B 163 -53.94 24.16 -11.47
C TRP B 163 -54.56 23.78 -10.12
N GLY B 164 -53.80 23.89 -9.03
CA GLY B 164 -54.38 23.63 -7.73
C GLY B 164 -55.45 24.66 -7.46
N GLY B 165 -55.16 25.92 -7.80
CA GLY B 165 -56.09 27.01 -7.57
C GLY B 165 -57.14 27.29 -8.63
N THR B 166 -57.67 28.51 -8.62
CA THR B 166 -58.70 28.93 -9.56
C THR B 166 -58.22 30.10 -10.41
N CYS B 167 -58.48 30.02 -11.70
CA CYS B 167 -58.03 31.04 -12.64
C CYS B 167 -58.77 32.35 -12.80
N LYS B 168 -58.01 33.43 -12.83
CA LYS B 168 -58.53 34.76 -13.12
C LYS B 168 -58.06 35.20 -14.50
N VAL B 169 -58.94 35.10 -15.49
CA VAL B 169 -58.56 35.20 -16.88
C VAL B 169 -57.62 36.38 -17.09
N LEU B 170 -56.60 36.15 -17.91
CA LEU B 170 -55.56 37.11 -18.23
C LEU B 170 -54.83 37.58 -16.97
N GLY B 171 -54.60 36.67 -16.04
CA GLY B 171 -53.98 37.05 -14.79
C GLY B 171 -52.72 36.31 -14.40
N PRO B 172 -51.95 36.94 -13.53
CA PRO B 172 -50.68 36.38 -13.05
C PRO B 172 -50.91 35.10 -12.26
N ASP B 173 -49.98 34.15 -12.37
CA ASP B 173 -50.07 32.90 -11.64
C ASP B 173 -51.01 31.86 -12.25
N CYS B 174 -51.51 32.11 -13.46
CA CYS B 174 -52.42 31.15 -14.05
C CYS B 174 -52.10 31.07 -15.54
N CYS B 175 -52.17 29.89 -16.14
CA CYS B 175 -51.90 29.79 -17.56
C CYS B 175 -53.13 29.49 -18.39
N ILE B 176 -53.46 30.43 -19.28
CA ILE B 176 -54.60 30.32 -20.19
C ILE B 176 -54.34 31.26 -21.35
N GLY B 177 -54.74 30.88 -22.56
CA GLY B 177 -54.49 31.72 -23.72
C GLY B 177 -55.75 32.27 -24.32
N ILE B 178 -55.86 33.59 -24.40
CA ILE B 178 -57.06 34.22 -24.93
C ILE B 178 -56.91 34.85 -26.32
N GLU B 179 -55.71 34.79 -26.90
CA GLU B 179 -55.51 35.39 -28.23
C GLU B 179 -56.47 34.83 -29.30
N ASP B 180 -56.67 33.51 -29.36
CA ASP B 180 -57.58 32.90 -30.34
C ASP B 180 -59.06 33.03 -29.94
N LEU B 181 -59.36 33.16 -28.64
CA LEU B 181 -60.71 33.33 -28.14
C LEU B 181 -61.21 34.76 -28.44
N SER B 182 -60.39 35.77 -28.12
CA SER B 182 -60.71 37.18 -28.36
C SER B 182 -60.71 37.49 -29.87
N LYS B 183 -59.88 36.77 -30.66
CA LYS B 183 -59.83 36.91 -32.12
C LYS B 183 -61.16 36.43 -32.68
N ASN B 184 -61.71 35.34 -32.11
CA ASN B 184 -63.00 34.74 -32.49
C ASN B 184 -64.15 35.67 -32.09
N ILE B 185 -64.00 36.38 -30.94
CA ILE B 185 -64.96 37.38 -30.46
C ILE B 185 -64.98 38.51 -31.51
N SER B 186 -63.77 38.93 -31.95
CA SER B 186 -63.57 39.96 -32.96
C SER B 186 -64.07 39.52 -34.35
N GLU B 187 -63.91 38.22 -34.68
CA GLU B 187 -64.36 37.62 -35.95
C GLU B 187 -65.88 37.57 -36.00
N GLN B 188 -66.53 37.35 -34.83
CA GLN B 188 -67.99 37.33 -34.67
C GLN B 188 -68.58 38.72 -34.94
N ILE B 189 -67.92 39.78 -34.42
CA ILE B 189 -68.29 41.20 -34.57
C ILE B 189 -68.12 41.62 -36.04
N ASP B 190 -67.16 41.00 -36.76
CA ASP B 190 -66.91 41.23 -38.17
C ASP B 190 -68.01 40.58 -39.04
N LYS B 191 -68.58 39.46 -38.56
CA LYS B 191 -69.66 38.70 -39.24
C LYS B 191 -71.01 39.43 -39.19
N ILE B 192 -71.17 40.38 -38.22
CA ILE B 192 -72.37 41.21 -38.00
C ILE B 192 -72.67 42.12 -39.22
N ARG B 193 -71.62 42.46 -40.02
CA ARG B 193 -71.68 43.29 -41.23
C ARG B 193 -72.77 42.78 -42.18
N LYS B 194 -73.71 43.69 -42.57
CA LYS B 194 -74.88 43.44 -43.43
C LYS B 194 -75.85 42.43 -42.82
N LEU C 2 9.19 -4.50 26.08
CA LEU C 2 9.13 -4.06 24.68
C LEU C 2 9.87 -5.00 23.71
N GLN C 3 9.49 -6.28 23.68
CA GLN C 3 10.16 -7.22 22.80
C GLN C 3 9.24 -8.04 21.91
N LEU C 4 9.69 -8.30 20.69
CA LEU C 4 8.97 -9.14 19.74
C LEU C 4 9.85 -10.30 19.30
N GLN C 5 9.40 -11.53 19.51
CA GLN C 5 10.21 -12.67 19.12
C GLN C 5 9.54 -13.56 18.06
N GLU C 6 10.06 -13.50 16.84
CA GLU C 6 9.58 -14.36 15.77
C GLU C 6 9.93 -15.82 16.05
N SER C 7 9.06 -16.71 15.61
CA SER C 7 9.19 -18.12 15.86
C SER C 7 8.56 -18.95 14.75
N GLY C 8 9.08 -20.15 14.56
CA GLY C 8 8.52 -21.04 13.55
C GLY C 8 9.60 -21.67 12.70
N PRO C 9 9.20 -22.64 11.88
CA PRO C 9 10.09 -23.42 11.01
C PRO C 9 10.79 -22.60 9.93
N GLY C 10 12.01 -23.02 9.60
CA GLY C 10 12.82 -22.34 8.61
C GLY C 10 12.62 -22.93 7.22
N LEU C 11 11.66 -23.85 7.10
CA LEU C 11 11.43 -24.52 5.83
C LEU C 11 9.99 -25.02 5.70
N VAL C 12 9.45 -24.86 4.49
CA VAL C 12 8.09 -25.32 4.13
C VAL C 12 8.13 -25.79 2.66
N LYS C 13 7.34 -26.80 2.32
CA LYS C 13 7.33 -27.29 0.95
C LYS C 13 6.27 -26.57 0.15
N PRO C 14 6.37 -26.55 -1.17
CA PRO C 14 5.36 -25.99 -2.04
C PRO C 14 3.99 -26.62 -1.81
N SER C 15 2.93 -25.82 -2.00
CA SER C 15 1.54 -26.27 -1.81
C SER C 15 1.31 -26.69 -0.38
N GLU C 16 1.86 -25.91 0.53
CA GLU C 16 1.77 -26.24 1.94
C GLU C 16 1.61 -24.98 2.72
N THR C 17 0.85 -25.05 3.78
CA THR C 17 0.63 -23.86 4.56
C THR C 17 1.77 -23.63 5.53
N LEU C 18 2.31 -22.44 5.43
CA LEU C 18 3.34 -21.96 6.32
C LEU C 18 2.74 -21.39 7.57
N SER C 19 3.30 -21.71 8.72
CA SER C 19 2.80 -21.12 9.93
C SER C 19 3.92 -20.54 10.75
N LEU C 20 3.78 -19.28 11.11
CA LEU C 20 4.76 -18.60 11.94
C LEU C 20 4.11 -17.99 13.16
N SER C 21 4.92 -17.60 14.13
CA SER C 21 4.37 -17.01 15.32
C SER C 21 5.29 -15.95 15.92
N CYS C 22 4.70 -15.07 16.71
CA CYS C 22 5.48 -14.01 17.32
C CYS C 22 5.13 -13.81 18.75
N THR C 23 6.12 -13.96 19.65
CA THR C 23 5.82 -13.76 21.04
C THR C 23 6.15 -12.35 21.49
N VAL C 24 5.13 -11.70 22.01
CA VAL C 24 5.22 -10.33 22.43
C VAL C 24 5.47 -10.24 23.93
N SER C 25 6.42 -9.40 24.32
CA SER C 25 6.75 -9.25 25.74
C SER C 25 6.79 -7.81 26.25
N GLY C 26 6.27 -7.60 27.45
CA GLY C 26 6.25 -6.31 28.11
C GLY C 26 5.06 -5.42 27.83
N VAL C 27 4.20 -5.83 26.91
CA VAL C 27 3.00 -5.07 26.56
C VAL C 27 1.87 -6.06 26.25
N SER C 28 0.62 -5.66 26.46
CA SER C 28 -0.46 -6.60 26.16
C SER C 28 -0.84 -6.59 24.70
N ILE C 29 -0.97 -7.78 24.12
CA ILE C 29 -1.33 -7.93 22.69
C ILE C 29 -2.74 -7.42 22.34
N SER C 30 -3.58 -7.09 23.33
CA SER C 30 -4.89 -6.54 23.02
C SER C 30 -5.02 -5.13 23.60
N ASP C 31 -3.89 -4.53 23.97
CA ASP C 31 -3.91 -3.18 24.54
C ASP C 31 -4.36 -2.16 23.51
N ASN C 32 -5.26 -1.27 23.92
CA ASN C 32 -5.80 -0.25 23.04
C ASN C 32 -4.70 0.65 22.55
N SER C 33 -4.89 1.20 21.36
CA SER C 33 -3.94 2.05 20.69
C SER C 33 -2.77 1.29 20.08
N TYR C 34 -2.82 -0.05 20.06
CA TYR C 34 -1.74 -0.75 19.38
C TYR C 34 -2.26 -1.84 18.43
N TYR C 35 -1.62 -1.88 17.28
CA TYR C 35 -1.85 -2.84 16.21
C TYR C 35 -0.57 -3.65 16.02
N TRP C 36 -0.69 -4.88 15.55
CA TRP C 36 0.50 -5.69 15.32
C TRP C 36 0.47 -6.26 13.93
N GLY C 37 1.60 -6.35 13.24
CA GLY C 37 1.54 -6.83 11.87
C GLY C 37 2.74 -7.61 11.40
N TRP C 38 2.58 -8.19 10.24
CA TRP C 38 3.59 -8.99 9.61
C TRP C 38 4.07 -8.36 8.33
N ILE C 39 5.39 -8.38 8.15
CA ILE C 39 6.09 -7.83 6.99
C ILE C 39 7.11 -8.84 6.47
N ARG C 40 7.30 -8.95 5.16
CA ARG C 40 8.26 -9.93 4.66
C ARG C 40 9.33 -9.35 3.72
N GLN C 41 10.54 -9.91 3.76
CA GLN C 41 11.62 -9.42 2.92
C GLN C 41 12.36 -10.54 2.26
N PRO C 42 12.16 -10.72 0.96
CA PRO C 42 12.88 -11.76 0.21
C PRO C 42 14.35 -11.39 0.15
N PRO C 43 15.22 -12.40 0.22
CA PRO C 43 16.64 -12.19 0.18
C PRO C 43 17.10 -11.22 -0.87
N GLY C 44 17.67 -10.10 -0.43
CA GLY C 44 18.22 -9.07 -1.30
C GLY C 44 17.17 -8.16 -1.91
N LYS C 45 15.92 -8.31 -1.49
CA LYS C 45 14.80 -7.52 -1.99
C LYS C 45 14.32 -6.60 -0.89
N GLY C 46 13.25 -5.84 -1.15
CA GLY C 46 12.75 -4.92 -0.14
C GLY C 46 11.51 -5.41 0.59
N LEU C 47 10.99 -4.54 1.44
CA LEU C 47 9.86 -4.86 2.30
C LEU C 47 8.52 -5.00 1.57
N GLU C 48 7.72 -5.97 2.02
CA GLU C 48 6.36 -6.18 1.56
C GLU C 48 5.45 -6.43 2.77
N TRP C 49 4.47 -5.57 2.97
CA TRP C 49 3.55 -5.78 4.08
C TRP C 49 2.64 -6.96 3.80
N ILE C 50 2.39 -7.74 4.84
CA ILE C 50 1.58 -8.94 4.74
C ILE C 50 0.19 -8.71 5.27
N GLY C 51 0.13 -8.20 6.49
CA GLY C 51 -1.15 -7.92 7.11
C GLY C 51 -0.98 -7.41 8.51
N THR C 52 -2.05 -6.87 9.05
CA THR C 52 -2.04 -6.28 10.37
C THR C 52 -3.29 -6.66 11.14
N ILE C 53 -3.16 -6.80 12.45
CA ILE C 53 -4.30 -7.12 13.29
C ILE C 53 -4.40 -6.08 14.39
N SER C 54 -5.61 -5.66 14.71
CA SER C 54 -5.77 -4.64 15.72
C SER C 54 -5.64 -5.18 17.13
N TYR C 55 -6.03 -4.33 18.07
CA TYR C 55 -6.07 -4.75 19.46
C TYR C 55 -7.32 -5.60 19.66
N SER C 56 -8.34 -5.45 18.82
CA SER C 56 -9.49 -6.33 18.84
C SER C 56 -9.25 -7.45 17.80
N GLY C 57 -10.29 -8.15 17.41
CA GLY C 57 -10.13 -9.25 16.44
C GLY C 57 -9.74 -8.88 15.00
N ASN C 58 -10.19 -7.72 14.55
CA ASN C 58 -10.01 -7.26 13.17
C ASN C 58 -8.63 -7.39 12.52
N THR C 59 -8.63 -7.89 11.28
CA THR C 59 -7.41 -8.02 10.51
C THR C 59 -7.53 -7.37 9.14
N TYR C 60 -6.42 -6.79 8.67
CA TYR C 60 -6.34 -6.13 7.36
C TYR C 60 -5.15 -6.72 6.62
N TYR C 61 -5.27 -6.95 5.30
CA TYR C 61 -4.20 -7.62 4.58
C TYR C 61 -3.84 -6.93 3.31
N ASN C 62 -2.72 -7.34 2.73
CA ASN C 62 -2.28 -6.80 1.44
C ASN C 62 -2.93 -7.59 0.30
N PRO C 63 -3.75 -6.91 -0.50
CA PRO C 63 -4.47 -7.53 -1.62
C PRO C 63 -3.63 -8.41 -2.56
N SER C 64 -2.31 -8.30 -2.49
CA SER C 64 -1.39 -9.08 -3.30
C SER C 64 -1.17 -10.49 -2.72
N LEU C 65 -1.56 -10.66 -1.46
CA LEU C 65 -1.47 -11.94 -0.78
C LEU C 65 -2.71 -12.20 0.08
N LYS C 66 -3.80 -11.48 -0.19
CA LYS C 66 -5.00 -11.59 0.65
C LYS C 66 -5.63 -12.98 0.69
N SER C 67 -5.64 -13.67 -0.44
CA SER C 67 -6.24 -15.00 -0.52
C SER C 67 -5.58 -16.06 0.38
N ARG C 68 -4.26 -16.02 0.45
CA ARG C 68 -3.51 -17.02 1.23
C ARG C 68 -3.22 -16.65 2.69
N VAL C 69 -2.95 -15.37 2.94
CA VAL C 69 -2.62 -14.89 4.26
C VAL C 69 -3.74 -14.86 5.28
N SER C 70 -3.41 -15.32 6.49
CA SER C 70 -4.31 -15.27 7.63
C SER C 70 -3.55 -14.91 8.91
N ILE C 71 -4.08 -13.97 9.67
CA ILE C 71 -3.42 -13.54 10.90
C ILE C 71 -4.29 -13.62 12.16
N SER C 72 -3.71 -14.13 13.26
CA SER C 72 -4.48 -14.24 14.49
C SER C 72 -3.70 -13.89 15.73
N GLY C 73 -4.40 -13.27 16.69
CA GLY C 73 -3.76 -12.89 17.94
C GLY C 73 -4.35 -13.64 19.11
N ASP C 74 -3.49 -14.25 19.93
CA ASP C 74 -3.93 -14.94 21.14
C ASP C 74 -3.70 -14.03 22.33
N THR C 75 -4.79 -13.51 22.87
CA THR C 75 -4.77 -12.54 23.95
C THR C 75 -4.24 -13.07 25.26
N SER C 76 -4.32 -14.37 25.46
CA SER C 76 -3.86 -14.94 26.72
C SER C 76 -2.37 -15.28 26.65
N LYS C 77 -1.90 -15.65 25.46
CA LYS C 77 -0.50 -15.99 25.27
C LYS C 77 0.35 -14.81 24.86
N HIS C 78 -0.29 -13.72 24.43
CA HIS C 78 0.45 -12.56 23.95
C HIS C 78 1.29 -12.93 22.77
N GLN C 79 0.67 -13.60 21.80
CA GLN C 79 1.41 -13.95 20.61
C GLN C 79 0.55 -13.99 19.34
N LEU C 80 1.21 -13.75 18.23
CA LEU C 80 0.60 -13.69 16.92
C LEU C 80 0.77 -14.94 16.14
N SER C 81 -0.06 -15.08 15.14
CA SER C 81 0.01 -16.19 14.26
C SER C 81 -0.13 -15.75 12.84
N LEU C 82 0.76 -16.20 12.01
CA LEU C 82 0.69 -15.93 10.59
C LEU C 82 0.64 -17.19 9.77
N LYS C 83 -0.41 -17.33 9.00
CA LYS C 83 -0.52 -18.46 8.12
C LYS C 83 -0.37 -17.98 6.71
N VAL C 84 0.30 -18.74 5.88
CA VAL C 84 0.41 -18.42 4.47
C VAL C 84 0.17 -19.68 3.67
N SER C 85 -1.06 -19.85 3.18
CA SER C 85 -1.39 -21.08 2.49
C SER C 85 -0.84 -21.11 1.08
N SER C 86 -0.74 -22.32 0.53
CA SER C 86 -0.30 -22.56 -0.84
C SER C 86 0.98 -21.84 -1.22
N VAL C 87 2.06 -22.10 -0.49
CA VAL C 87 3.30 -21.38 -0.80
C VAL C 87 3.96 -21.80 -2.11
N THR C 88 4.79 -20.90 -2.61
CA THR C 88 5.56 -21.07 -3.82
C THR C 88 6.99 -20.57 -3.62
N ALA C 89 7.81 -20.70 -4.65
CA ALA C 89 9.22 -20.32 -4.57
C ALA C 89 9.39 -18.87 -4.15
N ALA C 90 8.48 -18.02 -4.63
CA ALA C 90 8.47 -16.61 -4.36
C ALA C 90 8.06 -16.25 -2.93
N ASP C 91 7.75 -17.24 -2.09
CA ASP C 91 7.42 -16.95 -0.71
C ASP C 91 8.64 -17.07 0.19
N THR C 92 9.76 -17.52 -0.38
CA THR C 92 11.00 -17.56 0.36
C THR C 92 11.32 -16.17 0.84
N ALA C 93 11.33 -15.97 2.15
CA ALA C 93 11.57 -14.63 2.65
C ALA C 93 11.81 -14.60 4.13
N VAL C 94 12.25 -13.45 4.61
CA VAL C 94 12.44 -13.20 6.02
C VAL C 94 11.18 -12.58 6.58
N TYR C 95 10.51 -13.24 7.52
CA TYR C 95 9.26 -12.70 8.02
C TYR C 95 9.45 -11.94 9.33
N TYR C 96 8.88 -10.74 9.41
CA TYR C 96 9.05 -9.88 10.57
C TYR C 96 7.75 -9.62 11.28
N CYS C 97 7.86 -9.58 12.57
CA CYS C 97 6.80 -9.21 13.47
C CYS C 97 7.02 -7.75 13.83
N ALA C 98 5.98 -6.92 13.80
CA ALA C 98 6.19 -5.53 14.19
C ALA C 98 4.97 -4.94 14.87
N ARG C 99 5.21 -3.97 15.74
CA ARG C 99 4.12 -3.27 16.38
C ARG C 99 3.78 -2.03 15.58
N GLN C 100 2.50 -1.89 15.25
CA GLN C 100 2.02 -0.80 14.41
C GLN C 100 1.15 0.18 15.18
N ARG C 101 1.57 1.44 15.14
CA ARG C 101 0.80 2.52 15.75
C ARG C 101 -0.29 2.96 14.77
N ILE C 102 -1.32 3.67 15.26
CA ILE C 102 -2.40 4.18 14.45
C ILE C 102 -2.79 5.60 14.80
N VAL C 103 -3.56 6.21 13.90
CA VAL C 103 -4.07 7.57 14.12
C VAL C 103 -5.58 7.54 14.15
N SER C 104 -6.16 8.00 15.25
CA SER C 104 -7.60 7.87 15.39
C SER C 104 -8.38 8.99 14.76
N GLY C 105 -9.00 8.71 13.62
CA GLY C 105 -9.87 9.68 12.98
C GLY C 105 -11.23 9.03 12.74
N PHE C 106 -11.79 9.24 11.56
CA PHE C 106 -13.03 8.57 11.14
C PHE C 106 -12.83 7.04 11.24
N VAL C 107 -11.61 6.64 10.93
CA VAL C 107 -11.11 5.28 11.01
C VAL C 107 -9.76 5.29 11.70
N GLU C 108 -9.45 4.32 12.56
CA GLU C 108 -8.10 4.23 13.09
C GLU C 108 -7.24 3.94 11.85
N TRP C 109 -6.32 4.85 11.55
CA TRP C 109 -5.47 4.83 10.39
C TRP C 109 -4.18 4.10 10.65
N LEU C 110 -3.79 3.17 9.78
CA LEU C 110 -2.54 2.45 10.02
C LEU C 110 -1.36 3.42 10.03
N SER C 111 -0.39 3.20 10.92
CA SER C 111 0.76 4.15 11.00
C SER C 111 2.16 3.57 11.11
N LYS C 112 3.03 4.34 11.74
CA LYS C 112 4.43 3.99 11.89
C LYS C 112 4.61 2.72 12.69
N PHE C 113 5.58 1.90 12.27
CA PHE C 113 5.90 0.69 12.98
C PHE C 113 7.02 1.14 13.90
N ASP C 114 6.75 1.21 15.20
CA ASP C 114 7.76 1.68 16.14
C ASP C 114 8.73 0.59 16.57
N TYR C 115 8.20 -0.59 16.89
CA TYR C 115 9.11 -1.66 17.31
C TYR C 115 9.00 -2.83 16.37
N TRP C 116 10.16 -3.36 16.00
CA TRP C 116 10.31 -4.50 15.10
C TRP C 116 10.99 -5.67 15.80
N GLY C 117 10.62 -6.88 15.43
CA GLY C 117 11.32 -8.04 15.94
C GLY C 117 12.47 -8.36 14.98
N GLN C 118 13.07 -9.53 15.15
CA GLN C 118 14.13 -9.97 14.26
C GLN C 118 13.54 -11.15 13.54
N GLY C 119 13.61 -11.13 12.24
CA GLY C 119 12.82 -12.11 11.48
C GLY C 119 13.29 -13.54 11.44
N THR C 120 12.44 -14.35 10.83
CA THR C 120 12.65 -15.77 10.63
C THR C 120 12.76 -16.10 9.15
N LEU C 121 13.93 -16.57 8.72
CA LEU C 121 14.04 -16.93 7.33
C LEU C 121 13.34 -18.20 7.02
N VAL C 122 12.32 -18.10 6.21
CA VAL C 122 11.58 -19.27 5.78
C VAL C 122 11.82 -19.57 4.33
N THR C 123 12.43 -20.71 4.06
CA THR C 123 12.69 -21.07 2.68
C THR C 123 11.61 -21.98 2.15
N VAL C 124 11.19 -21.76 0.90
CA VAL C 124 10.24 -22.68 0.30
C VAL C 124 10.99 -23.62 -0.61
N SER C 125 10.93 -24.91 -0.28
CA SER C 125 11.60 -25.92 -1.07
C SER C 125 11.03 -27.29 -0.83
N SER C 126 11.06 -28.12 -1.88
CA SER C 126 10.60 -29.50 -1.80
C SER C 126 11.63 -30.41 -1.11
N ALA C 127 12.85 -29.89 -0.87
CA ALA C 127 13.90 -30.59 -0.17
C ALA C 127 13.61 -30.60 1.31
N SER C 128 14.26 -31.52 2.04
CA SER C 128 14.12 -31.61 3.49
C SER C 128 15.35 -31.01 4.17
N THR C 129 15.27 -30.76 5.48
CA THR C 129 16.39 -30.12 6.15
C THR C 129 17.54 -31.07 6.32
N LYS C 130 18.72 -30.50 6.50
CA LYS C 130 19.93 -31.27 6.72
C LYS C 130 20.87 -30.57 7.66
N GLY C 131 21.25 -31.24 8.73
CA GLY C 131 22.19 -30.63 9.64
C GLY C 131 23.58 -30.63 9.03
N PRO C 132 24.41 -29.70 9.49
CA PRO C 132 25.78 -29.55 9.00
C PRO C 132 26.81 -30.53 9.56
N SER C 133 27.81 -30.85 8.72
CA SER C 133 28.92 -31.70 9.07
C SER C 133 30.02 -30.72 9.47
N VAL C 134 30.24 -30.56 10.76
CA VAL C 134 31.21 -29.58 11.23
C VAL C 134 32.61 -30.16 11.37
N PHE C 135 33.60 -29.46 10.80
CA PHE C 135 35.01 -29.88 10.89
C PHE C 135 35.88 -28.71 11.40
N PRO C 136 36.92 -28.98 12.21
CA PRO C 136 37.82 -27.96 12.74
C PRO C 136 38.92 -27.53 11.76
N LEU C 137 39.27 -26.25 11.84
CA LEU C 137 40.29 -25.62 11.00
C LEU C 137 41.45 -25.14 11.92
N ALA C 138 42.55 -25.90 11.92
CA ALA C 138 43.67 -25.64 12.82
C ALA C 138 44.40 -24.31 12.57
N PRO C 139 44.88 -23.64 13.64
CA PRO C 139 45.58 -22.38 13.59
C PRO C 139 46.99 -22.41 13.00
N SER C 140 47.37 -21.24 12.46
CA SER C 140 48.67 -20.98 11.88
C SER C 140 48.78 -19.52 11.44
N THR C 148 47.81 -13.06 14.23
CA THR C 148 48.97 -13.93 14.42
C THR C 148 48.59 -15.40 14.31
N ALA C 149 47.34 -15.72 14.64
CA ALA C 149 46.88 -17.10 14.54
C ALA C 149 45.42 -17.15 14.11
N ALA C 150 45.18 -17.83 13.00
CA ALA C 150 43.83 -17.90 12.45
C ALA C 150 43.26 -19.29 12.53
N LEU C 151 42.18 -19.45 13.28
CA LEU C 151 41.53 -20.75 13.47
C LEU C 151 40.04 -20.66 13.26
N GLY C 152 39.37 -21.78 12.97
CA GLY C 152 37.94 -21.68 12.76
C GLY C 152 37.21 -22.99 12.54
N CYS C 153 35.92 -22.89 12.25
CA CYS C 153 35.09 -24.06 11.99
C CYS C 153 34.54 -24.03 10.59
N LEU C 154 34.44 -25.19 9.99
CA LEU C 154 33.84 -25.33 8.69
C LEU C 154 32.55 -26.09 8.82
N VAL C 155 31.45 -25.40 8.58
CA VAL C 155 30.13 -25.97 8.69
C VAL C 155 29.72 -26.40 7.29
N LYS C 156 29.73 -27.68 7.04
CA LYS C 156 29.56 -28.12 5.69
C LYS C 156 28.28 -28.89 5.41
N ASP C 157 27.76 -28.70 4.20
CA ASP C 157 26.59 -29.39 3.68
C ASP C 157 25.36 -29.36 4.58
N TYR C 158 24.62 -28.26 4.56
CA TYR C 158 23.40 -28.16 5.35
C TYR C 158 22.30 -27.42 4.63
N PHE C 159 21.08 -27.57 5.11
CA PHE C 159 19.98 -26.91 4.44
C PHE C 159 18.74 -26.72 5.33
N PRO C 160 18.01 -25.62 5.18
CA PRO C 160 18.46 -24.34 4.60
C PRO C 160 18.96 -23.38 5.67
N GLU C 161 19.41 -22.19 5.26
CA GLU C 161 19.92 -21.22 6.20
C GLU C 161 18.77 -20.80 7.11
N PRO C 162 19.05 -20.16 8.24
CA PRO C 162 20.30 -19.73 8.81
C PRO C 162 21.07 -20.73 9.67
N VAL C 163 22.35 -20.41 9.84
CA VAL C 163 23.27 -21.05 10.79
C VAL C 163 23.93 -20.00 11.67
N THR C 164 23.87 -20.21 12.97
CA THR C 164 24.45 -19.27 13.92
C THR C 164 25.70 -19.89 14.54
N VAL C 165 26.81 -19.15 14.59
CA VAL C 165 28.04 -19.69 15.15
C VAL C 165 28.61 -18.82 16.27
N SER C 166 28.64 -19.38 17.48
CA SER C 166 29.20 -18.69 18.65
C SER C 166 30.52 -19.29 19.07
N TRP C 167 31.38 -18.49 19.67
CA TRP C 167 32.65 -19.06 20.14
C TRP C 167 32.75 -18.97 21.65
N ASN C 168 33.13 -20.09 22.26
CA ASN C 168 33.22 -20.26 23.71
C ASN C 168 31.94 -19.81 24.38
N SER C 169 30.82 -20.35 23.89
CA SER C 169 29.49 -20.05 24.41
C SER C 169 29.19 -18.56 24.47
N GLY C 170 29.69 -17.81 23.51
CA GLY C 170 29.46 -16.38 23.44
C GLY C 170 30.48 -15.54 24.18
N ALA C 171 31.37 -16.19 24.94
CA ALA C 171 32.40 -15.46 25.68
C ALA C 171 33.41 -14.82 24.74
N LEU C 172 33.71 -15.50 23.64
CA LEU C 172 34.65 -14.96 22.66
C LEU C 172 33.92 -14.15 21.60
N THR C 173 34.25 -12.87 21.55
CA THR C 173 33.64 -11.88 20.65
C THR C 173 34.72 -11.28 19.77
N SER C 174 35.64 -10.60 20.44
CA SER C 174 36.78 -9.98 19.80
C SER C 174 37.49 -10.94 18.85
N GLY C 175 37.60 -10.53 17.59
CA GLY C 175 38.30 -11.31 16.57
C GLY C 175 37.41 -12.24 15.75
N VAL C 176 36.13 -12.36 16.13
CA VAL C 176 35.24 -13.27 15.41
C VAL C 176 34.73 -12.72 14.07
N HIS C 177 34.87 -13.52 13.03
CA HIS C 177 34.37 -13.12 11.73
C HIS C 177 33.80 -14.32 10.98
N THR C 178 32.48 -14.37 10.91
CA THR C 178 31.77 -15.45 10.23
C THR C 178 31.47 -15.06 8.78
N PHE C 179 31.65 -15.98 7.84
CA PHE C 179 31.42 -15.67 6.43
C PHE C 179 30.08 -16.16 5.85
N PRO C 180 29.63 -15.46 4.81
CA PRO C 180 28.42 -15.77 4.09
C PRO C 180 28.47 -17.16 3.49
N ALA C 181 27.39 -17.92 3.69
CA ALA C 181 27.32 -19.28 3.17
C ALA C 181 27.34 -19.34 1.66
N VAL C 182 27.83 -20.42 1.12
CA VAL C 182 27.81 -20.60 -0.32
C VAL C 182 26.77 -21.65 -0.62
N LEU C 183 26.04 -21.46 -1.69
CA LEU C 183 25.11 -22.48 -2.12
C LEU C 183 25.86 -23.38 -3.09
N GLN C 184 25.99 -24.64 -2.69
CA GLN C 184 26.73 -25.61 -3.48
C GLN C 184 25.84 -26.19 -4.57
N SER C 185 26.48 -26.69 -5.64
CA SER C 185 25.80 -27.33 -6.76
C SER C 185 24.78 -28.39 -6.33
N SER C 186 25.07 -29.08 -5.23
CA SER C 186 24.20 -30.11 -4.67
C SER C 186 22.86 -29.58 -4.14
N GLY C 187 22.81 -28.28 -3.82
CA GLY C 187 21.64 -27.67 -3.21
C GLY C 187 21.85 -27.43 -1.71
N LEU C 188 22.99 -27.90 -1.19
CA LEU C 188 23.32 -27.71 0.24
C LEU C 188 24.24 -26.53 0.43
N TYR C 189 24.29 -26.01 1.65
CA TYR C 189 25.10 -24.86 1.97
C TYR C 189 26.38 -25.21 2.71
N SER C 190 27.36 -24.34 2.56
CA SER C 190 28.62 -24.45 3.27
C SER C 190 29.00 -23.09 3.85
N LEU C 191 29.37 -23.07 5.12
CA LEU C 191 29.64 -21.84 5.84
C LEU C 191 30.89 -21.93 6.74
N SER C 192 31.73 -20.89 6.74
CA SER C 192 32.93 -20.90 7.59
C SER C 192 32.90 -19.80 8.62
N SER C 193 33.58 -20.01 9.73
CA SER C 193 33.68 -18.98 10.76
C SER C 193 35.01 -19.03 11.37
N VAL C 194 35.68 -17.89 11.44
CA VAL C 194 37.01 -17.90 12.01
C VAL C 194 37.22 -16.87 13.07
N VAL C 195 38.27 -17.07 13.84
CA VAL C 195 38.62 -16.11 14.84
C VAL C 195 40.10 -15.82 14.77
N THR C 196 40.42 -14.53 14.78
CA THR C 196 41.80 -14.15 14.83
C THR C 196 42.16 -14.07 16.29
N VAL C 197 43.12 -14.89 16.71
CA VAL C 197 43.48 -14.92 18.12
C VAL C 197 44.97 -14.69 18.30
N PRO C 198 45.38 -14.24 19.49
CA PRO C 198 46.75 -14.13 19.85
C PRO C 198 47.38 -15.52 19.78
N SER C 199 48.45 -15.67 19.00
CA SER C 199 49.13 -16.95 18.87
C SER C 199 49.67 -17.45 20.22
N SER C 200 49.93 -16.52 21.14
CA SER C 200 50.40 -16.81 22.49
C SER C 200 49.37 -17.55 23.36
N SER C 201 48.10 -17.54 22.96
CA SER C 201 47.04 -18.21 23.71
C SER C 201 46.68 -19.58 23.14
N LEU C 202 47.31 -19.99 22.03
CA LEU C 202 46.92 -21.26 21.38
C LEU C 202 47.04 -22.50 22.29
N GLY C 203 47.97 -22.48 23.23
CA GLY C 203 48.15 -23.59 24.14
C GLY C 203 47.63 -23.31 25.55
N THR C 204 46.98 -22.18 25.78
CA THR C 204 46.52 -21.88 27.14
C THR C 204 45.00 -21.72 27.23
N GLN C 205 44.37 -21.25 26.14
CA GLN C 205 42.92 -21.05 26.12
C GLN C 205 42.21 -22.02 25.18
N THR C 206 41.10 -22.57 25.67
CA THR C 206 40.28 -23.46 24.87
C THR C 206 39.41 -22.66 23.91
N TYR C 207 39.44 -23.05 22.64
CA TYR C 207 38.64 -22.41 21.61
C TYR C 207 37.67 -23.40 21.00
N ILE C 208 36.39 -23.20 21.33
CA ILE C 208 35.29 -24.04 20.87
C ILE C 208 34.19 -23.26 20.13
N CYS C 209 33.78 -23.76 18.96
CA CYS C 209 32.67 -23.11 18.28
C CYS C 209 31.36 -23.76 18.65
N ASN C 210 30.28 -23.03 18.47
CA ASN C 210 28.94 -23.48 18.82
C ASN C 210 28.00 -23.28 17.62
N VAL C 211 27.90 -24.29 16.77
CA VAL C 211 27.12 -24.25 15.53
C VAL C 211 25.66 -24.65 15.74
N ASN C 212 24.75 -23.68 15.54
CA ASN C 212 23.33 -23.95 15.67
C ASN C 212 22.67 -23.93 14.32
N HIS C 213 21.77 -24.86 14.11
CA HIS C 213 21.00 -24.90 12.88
C HIS C 213 19.57 -25.20 13.28
N LYS C 214 18.76 -24.15 13.34
CA LYS C 214 17.39 -24.29 13.79
C LYS C 214 16.53 -25.17 12.89
N PRO C 215 16.64 -25.13 11.54
CA PRO C 215 15.85 -25.97 10.68
C PRO C 215 15.95 -27.47 10.97
N SER C 216 17.10 -27.94 11.46
CA SER C 216 17.24 -29.36 11.77
C SER C 216 17.41 -29.60 13.27
N ASN C 217 17.19 -28.55 14.08
CA ASN C 217 17.36 -28.63 15.53
C ASN C 217 18.70 -29.19 15.93
N THR C 218 19.75 -28.73 15.27
CA THR C 218 21.07 -29.27 15.51
C THR C 218 21.97 -28.27 16.21
N LYS C 219 22.69 -28.74 17.22
CA LYS C 219 23.67 -27.88 17.88
C LYS C 219 24.99 -28.62 17.99
N VAL C 220 26.02 -28.13 17.32
CA VAL C 220 27.30 -28.81 17.34
C VAL C 220 28.41 -27.99 17.97
N ASP C 221 29.01 -28.51 19.01
CA ASP C 221 30.13 -27.81 19.60
C ASP C 221 31.41 -28.51 19.11
N LYS C 222 32.46 -27.75 18.86
CA LYS C 222 33.70 -28.34 18.33
C LYS C 222 34.94 -27.62 18.83
N LYS C 223 35.81 -28.34 19.51
CA LYS C 223 37.06 -27.75 19.97
C LYS C 223 38.06 -27.74 18.84
N VAL C 224 38.58 -26.56 18.54
CA VAL C 224 39.58 -26.44 17.49
C VAL C 224 40.95 -26.47 18.11
N GLU C 225 41.81 -27.35 17.58
CA GLU C 225 43.14 -27.55 18.14
C GLU C 225 44.24 -27.47 17.08
N PRO C 226 45.45 -26.98 17.46
CA PRO C 226 46.63 -26.90 16.62
C PRO C 226 47.20 -28.28 16.35
N LYS C 227 47.95 -28.40 15.25
CA LYS C 227 48.56 -29.67 14.85
C LYS C 227 47.50 -30.69 14.47
N SER D 2 7.49 -1.06 -3.60
CA SER D 2 7.64 -0.94 -5.05
C SER D 2 6.59 0.01 -5.60
N VAL D 3 5.45 0.09 -4.92
CA VAL D 3 4.38 1.03 -5.27
C VAL D 3 4.87 2.46 -5.08
N LEU D 4 5.55 2.73 -3.97
CA LEU D 4 6.16 4.04 -3.74
C LEU D 4 7.53 3.95 -4.40
N THR D 5 7.95 4.99 -5.14
CA THR D 5 9.21 4.86 -5.83
C THR D 5 10.31 5.60 -5.12
N GLN D 6 11.41 4.86 -4.92
CA GLN D 6 12.60 5.33 -4.27
C GLN D 6 13.79 5.18 -5.21
N PRO D 7 14.84 5.98 -5.03
CA PRO D 7 16.07 5.84 -5.75
C PRO D 7 16.67 4.46 -5.49
N PRO D 8 16.98 3.66 -6.51
CA PRO D 8 17.64 2.40 -6.36
C PRO D 8 18.94 2.51 -5.57
N SER D 9 19.64 3.65 -5.76
CA SER D 9 20.93 3.89 -5.15
C SER D 9 21.25 5.37 -4.96
N VAL D 10 21.82 5.72 -3.80
CA VAL D 10 22.25 7.08 -3.44
C VAL D 10 23.63 7.07 -2.78
N SER D 11 24.53 7.99 -3.14
CA SER D 11 25.86 8.00 -2.50
C SER D 11 26.14 9.34 -1.83
N GLY D 12 27.34 9.49 -1.29
CA GLY D 12 27.75 10.72 -0.62
C GLY D 12 29.00 10.52 0.23
N ALA D 13 29.82 11.56 0.29
CA ALA D 13 31.02 11.60 1.10
C ALA D 13 30.66 12.02 2.53
N PRO D 14 31.52 11.69 3.49
CA PRO D 14 31.27 12.06 4.89
C PRO D 14 31.25 13.58 5.08
N GLY D 15 30.37 14.05 5.96
CA GLY D 15 30.23 15.48 6.24
C GLY D 15 29.35 16.18 5.23
N GLN D 16 28.78 15.41 4.32
CA GLN D 16 27.90 15.90 3.27
C GLN D 16 26.42 15.81 3.61
N ARG D 17 25.62 16.65 2.96
CA ARG D 17 24.19 16.56 3.11
C ARG D 17 23.62 15.70 1.98
N VAL D 18 22.83 14.69 2.32
CA VAL D 18 22.25 13.77 1.33
C VAL D 18 20.72 13.68 1.40
N THR D 19 20.07 13.46 0.26
CA THR D 19 18.61 13.35 0.20
C THR D 19 18.07 12.08 -0.50
N ILE D 20 17.08 11.44 0.10
CA ILE D 20 16.45 10.24 -0.44
C ILE D 20 14.96 10.48 -0.69
N SER D 21 14.55 10.44 -1.97
CA SER D 21 13.19 10.74 -2.41
C SER D 21 12.24 9.54 -2.32
N CYS D 22 10.93 9.83 -2.28
CA CYS D 22 9.84 8.85 -2.25
C CYS D 22 8.61 9.50 -2.86
N THR D 23 8.29 9.13 -4.12
CA THR D 23 7.14 9.69 -4.83
C THR D 23 6.13 8.61 -5.23
N GLY D 24 4.88 8.82 -4.86
CA GLY D 24 3.84 7.86 -5.17
C GLY D 24 2.76 8.42 -6.07
N SER D 25 1.53 7.97 -5.85
CA SER D 25 0.40 8.42 -6.65
C SER D 25 -0.51 9.35 -5.86
N SER D 26 -1.75 9.46 -6.31
CA SER D 26 -2.72 10.31 -5.65
C SER D 26 -3.11 9.73 -4.31
N SER D 27 -3.18 8.41 -4.28
CA SER D 27 -3.55 7.63 -3.11
C SER D 27 -2.60 7.65 -1.90
N ASN D 28 -1.38 7.14 -2.11
CA ASN D 28 -0.39 7.00 -1.03
C ASN D 28 0.17 8.23 -0.30
N ILE D 29 0.48 9.30 -1.03
CA ILE D 29 1.05 10.47 -0.38
C ILE D 29 0.21 11.67 -0.71
N GLY D 30 -0.04 11.82 -2.00
CA GLY D 30 -0.81 12.91 -2.56
C GLY D 30 -2.14 13.08 -1.85
N ALA D 31 -2.71 11.99 -1.36
CA ALA D 31 -3.98 12.04 -0.66
C ALA D 31 -3.84 12.77 0.64
N GLY D 32 -2.60 12.94 1.09
CA GLY D 32 -2.41 13.64 2.34
C GLY D 32 -1.92 12.73 3.44
N PHE D 33 -1.66 11.47 3.13
CA PHE D 33 -1.23 10.56 4.18
C PHE D 33 0.22 10.75 4.56
N ASP D 34 0.51 10.59 5.84
CA ASP D 34 1.86 10.71 6.36
C ASP D 34 2.81 9.68 5.78
N VAL D 35 4.07 10.09 5.80
CA VAL D 35 5.17 9.30 5.33
C VAL D 35 6.12 8.85 6.47
N HIS D 36 6.47 7.57 6.48
CA HIS D 36 7.39 7.04 7.50
C HIS D 36 8.64 6.43 6.86
N TRP D 37 9.78 6.64 7.49
CA TRP D 37 11.06 6.12 7.00
C TRP D 37 11.70 5.12 7.93
N TYR D 38 12.29 4.08 7.32
CA TYR D 38 13.02 3.04 8.06
C TYR D 38 14.43 2.89 7.60
N GLN D 39 15.28 2.52 8.55
CA GLN D 39 16.71 2.29 8.30
C GLN D 39 17.02 0.83 8.46
N GLN D 40 17.70 0.25 7.51
CA GLN D 40 18.04 -1.14 7.66
C GLN D 40 19.51 -1.41 7.42
N LEU D 41 20.20 -1.76 8.48
CA LEU D 41 21.61 -2.08 8.37
C LEU D 41 21.70 -3.48 7.79
N PRO D 42 22.75 -3.80 7.01
CA PRO D 42 22.94 -5.10 6.42
C PRO D 42 22.80 -6.22 7.42
N GLY D 43 21.92 -7.16 7.10
CA GLY D 43 21.66 -8.33 7.92
C GLY D 43 20.79 -8.08 9.17
N THR D 44 20.20 -6.91 9.31
CA THR D 44 19.40 -6.64 10.51
C THR D 44 17.96 -6.24 10.18
N ALA D 45 17.13 -6.16 11.21
CA ALA D 45 15.75 -5.75 11.04
C ALA D 45 15.67 -4.21 10.92
N PRO D 46 14.68 -3.68 10.19
CA PRO D 46 14.43 -2.27 10.04
C PRO D 46 14.19 -1.52 11.35
N LYS D 47 14.68 -0.28 11.39
CA LYS D 47 14.53 0.65 12.49
C LYS D 47 13.64 1.83 12.13
N LEU D 48 12.73 2.21 13.02
CA LEU D 48 11.91 3.38 12.74
C LEU D 48 12.84 4.58 12.77
N LEU D 49 13.02 5.25 11.63
CA LEU D 49 13.93 6.38 11.54
C LEU D 49 13.19 7.71 11.64
N ILE D 50 12.27 7.95 10.69
CA ILE D 50 11.41 9.16 10.65
C ILE D 50 9.95 8.78 10.64
N TYR D 51 9.12 9.35 11.51
CA TYR D 51 7.69 9.06 11.43
C TYR D 51 6.92 10.33 11.15
N ASP D 52 5.61 10.21 10.80
CA ASP D 52 4.66 11.31 10.60
C ASP D 52 5.29 12.41 9.79
N ASN D 53 5.95 12.03 8.69
CA ASN D 53 6.58 12.95 7.74
C ASN D 53 7.95 13.45 8.18
N ASN D 54 7.99 14.12 9.35
CA ASN D 54 9.19 14.78 9.81
C ASN D 54 9.53 14.69 11.28
N ASN D 55 9.04 13.67 11.98
CA ASN D 55 9.35 13.56 13.40
C ASN D 55 10.40 12.48 13.67
N ARG D 56 11.23 12.73 14.70
CA ARG D 56 12.30 11.79 15.10
C ARG D 56 11.97 11.10 16.43
N PRO D 57 12.03 9.75 16.50
CA PRO D 57 11.87 9.01 17.70
C PRO D 57 13.16 9.14 18.50
N SER D 58 13.05 9.15 19.82
CA SER D 58 14.24 9.33 20.64
C SER D 58 15.17 8.15 20.37
N GLY D 59 16.42 8.48 20.04
CA GLY D 59 17.42 7.49 19.65
C GLY D 59 17.94 7.82 18.26
N VAL D 60 17.25 8.72 17.56
CA VAL D 60 17.67 9.19 16.24
C VAL D 60 18.35 10.58 16.33
N PRO D 61 19.53 10.76 15.69
CA PRO D 61 20.26 12.02 15.63
C PRO D 61 19.52 13.17 14.93
N ASP D 62 19.87 14.41 15.33
CA ASP D 62 19.34 15.65 14.71
C ASP D 62 19.82 15.81 13.28
N ARG D 63 20.81 15.01 12.91
CA ARG D 63 21.36 14.95 11.57
C ARG D 63 20.30 14.46 10.59
N PHE D 64 19.31 13.74 11.09
CA PHE D 64 18.25 13.21 10.26
C PHE D 64 16.98 14.08 10.34
N SER D 65 16.34 14.29 9.19
CA SER D 65 15.13 15.08 9.13
C SER D 65 14.24 14.64 7.95
N GLY D 66 12.93 14.78 8.12
CA GLY D 66 11.99 14.37 7.05
C GLY D 66 11.24 15.54 6.45
N SER D 67 10.73 15.38 5.23
CA SER D 67 9.99 16.44 4.55
C SER D 67 8.96 15.89 3.55
N LYS D 68 7.81 16.57 3.45
CA LYS D 68 6.74 16.14 2.51
C LYS D 68 6.15 17.35 1.77
N SER D 69 5.95 17.18 0.46
CA SER D 69 5.35 18.22 -0.38
C SER D 69 4.80 17.63 -1.70
N GLY D 70 3.49 17.75 -1.87
CA GLY D 70 2.85 17.21 -3.07
C GLY D 70 2.76 15.69 -2.98
N THR D 71 3.19 15.03 -4.05
CA THR D 71 3.20 13.58 -4.07
C THR D 71 4.55 13.02 -3.67
N SER D 72 5.45 13.88 -3.15
CA SER D 72 6.75 13.40 -2.74
C SER D 72 7.07 13.65 -1.27
N ALA D 73 8.00 12.83 -0.80
CA ALA D 73 8.55 12.93 0.53
C ALA D 73 10.04 12.61 0.45
N SER D 74 10.82 13.25 1.30
CA SER D 74 12.24 13.02 1.23
C SER D 74 12.87 12.99 2.60
N LEU D 75 14.02 12.32 2.68
CA LEU D 75 14.78 12.18 3.90
C LEU D 75 16.09 12.92 3.76
N ALA D 76 16.40 13.76 4.74
CA ALA D 76 17.61 14.55 4.74
C ALA D 76 18.58 14.13 5.80
N ILE D 77 19.82 13.92 5.39
CA ILE D 77 20.87 13.57 6.33
C ILE D 77 21.96 14.62 6.25
N THR D 78 22.20 15.34 7.34
CA THR D 78 23.26 16.33 7.34
C THR D 78 24.45 15.77 8.11
N GLY D 79 25.66 16.14 7.73
CA GLY D 79 26.80 15.63 8.48
C GLY D 79 26.93 14.12 8.29
N LEU D 80 26.72 13.64 7.06
CA LEU D 80 26.73 12.22 6.72
C LEU D 80 27.87 11.45 7.40
N GLN D 81 27.54 10.38 8.08
CA GLN D 81 28.55 9.58 8.74
C GLN D 81 28.72 8.28 7.96
N ALA D 82 29.77 7.53 8.24
CA ALA D 82 29.98 6.23 7.59
C ALA D 82 28.94 5.23 8.10
N GLU D 83 28.54 5.44 9.38
CA GLU D 83 27.53 4.68 10.11
C GLU D 83 26.19 4.62 9.41
N ASP D 84 25.93 5.64 8.62
CA ASP D 84 24.68 5.80 7.92
C ASP D 84 24.50 4.86 6.73
N GLU D 85 25.59 4.23 6.24
CA GLU D 85 25.46 3.35 5.09
C GLU D 85 24.47 2.25 5.42
N ALA D 86 23.38 2.31 4.75
CA ALA D 86 22.35 1.31 4.99
C ALA D 86 21.33 1.25 3.83
N ASP D 87 20.21 0.54 4.04
CA ASP D 87 19.09 0.43 3.11
C ASP D 87 17.94 1.25 3.71
N TYR D 88 17.37 2.16 2.91
CA TYR D 88 16.32 3.05 3.37
C TYR D 88 14.98 2.80 2.70
N TYR D 89 13.90 2.77 3.50
CA TYR D 89 12.56 2.48 3.03
C TYR D 89 11.53 3.52 3.48
N CYS D 90 10.66 3.95 2.54
CA CYS D 90 9.57 4.94 2.79
C CYS D 90 8.20 4.20 3.02
N GLN D 91 7.34 4.75 3.88
CA GLN D 91 6.04 4.13 4.20
C GLN D 91 4.91 5.15 4.04
N SER D 92 3.71 4.76 3.60
CA SER D 92 2.57 5.66 3.53
C SER D 92 1.28 4.85 3.47
N TYR D 93 0.19 5.39 4.01
CA TYR D 93 -1.12 4.74 3.93
C TYR D 93 -1.58 4.83 2.49
N ASP D 94 -2.30 3.83 2.00
CA ASP D 94 -2.73 3.82 0.62
C ASP D 94 -4.23 3.61 0.47
N THR D 95 -4.83 4.33 -0.48
CA THR D 95 -6.28 4.21 -0.72
C THR D 95 -6.61 3.46 -2.00
N SER D 96 -5.58 3.00 -2.69
CA SER D 96 -5.71 2.25 -3.94
C SER D 96 -6.03 0.79 -3.69
N LEU D 97 -6.18 0.03 -4.77
CA LEU D 97 -6.49 -1.39 -4.68
C LEU D 97 -5.35 -2.02 -3.90
N SER D 98 -4.14 -1.52 -4.12
CA SER D 98 -2.99 -2.02 -3.40
C SER D 98 -3.39 -1.75 -1.93
N GLY D 99 -3.02 -2.64 -1.03
CA GLY D 99 -3.39 -2.56 0.37
C GLY D 99 -3.01 -1.30 1.12
N PRO D 100 -3.73 -1.06 2.22
CA PRO D 100 -3.54 0.10 3.09
C PRO D 100 -2.09 0.48 3.36
N VAL D 101 -1.23 -0.49 3.68
CA VAL D 101 0.17 -0.17 3.94
C VAL D 101 0.99 -0.43 2.74
N VAL D 102 1.75 0.59 2.36
CA VAL D 102 2.62 0.50 1.21
C VAL D 102 4.04 0.93 1.47
N PHE D 103 4.98 0.16 0.93
CA PHE D 103 6.40 0.47 1.04
C PHE D 103 6.99 0.85 -0.29
N GLY D 104 8.09 1.58 -0.22
CA GLY D 104 8.80 1.95 -1.43
C GLY D 104 9.77 0.88 -1.85
N GLY D 105 10.33 1.05 -3.03
CA GLY D 105 11.29 0.10 -3.60
C GLY D 105 12.56 -0.20 -2.76
N GLY D 106 13.00 0.77 -1.95
CA GLY D 106 14.20 0.61 -1.12
C GLY D 106 15.40 1.30 -1.75
N THR D 107 16.19 2.00 -0.92
CA THR D 107 17.36 2.74 -1.40
C THR D 107 18.72 2.36 -0.81
N LYS D 108 19.66 1.97 -1.69
CA LYS D 108 21.03 1.64 -1.29
C LYS D 108 21.87 2.87 -0.93
N LEU D 109 21.80 3.35 0.32
CA LEU D 109 22.63 4.50 0.67
C LEU D 109 24.08 4.06 0.92
N THR D 110 24.97 4.48 0.01
CA THR D 110 26.39 4.13 0.01
C THR D 110 27.31 5.27 0.44
N VAL D 111 27.72 5.30 1.69
CA VAL D 111 28.64 6.35 2.13
C VAL D 111 30.06 5.99 1.67
N LEU D 112 30.80 6.99 1.18
CA LEU D 112 32.16 6.78 0.66
C LEU D 112 33.10 5.97 1.54
N GLN D 113 33.81 5.06 0.88
CA GLN D 113 34.85 4.25 1.49
C GLN D 113 36.09 4.30 0.58
N PRO D 114 37.28 4.23 1.17
CA PRO D 114 38.52 4.19 0.38
C PRO D 114 38.80 2.76 -0.08
N LYS D 115 39.74 2.59 -1.00
CA LYS D 115 40.06 1.26 -1.48
C LYS D 115 40.59 0.40 -0.33
N ALA D 116 40.16 -0.85 -0.29
CA ALA D 116 40.58 -1.76 0.77
C ALA D 116 41.00 -3.13 0.24
N ALA D 117 42.25 -3.48 0.46
CA ALA D 117 42.81 -4.75 0.01
C ALA D 117 42.30 -5.90 0.90
N PRO D 118 41.99 -7.07 0.33
CA PRO D 118 41.40 -8.17 1.01
C PRO D 118 42.34 -8.86 1.98
N SER D 119 41.76 -9.46 3.02
CA SER D 119 42.52 -10.22 4.00
C SER D 119 42.21 -11.68 3.69
N VAL D 120 43.16 -12.39 3.10
CA VAL D 120 42.96 -13.76 2.69
C VAL D 120 43.61 -14.81 3.57
N THR D 121 42.79 -15.76 4.03
CA THR D 121 43.29 -16.86 4.86
C THR D 121 42.91 -18.20 4.23
N LEU D 122 43.91 -19.01 3.89
CA LEU D 122 43.61 -20.29 3.27
C LEU D 122 43.88 -21.46 4.20
N PHE D 123 42.87 -22.29 4.38
CA PHE D 123 42.96 -23.47 5.22
C PHE D 123 43.00 -24.77 4.39
N PRO D 124 43.88 -25.67 4.79
CA PRO D 124 43.98 -27.01 4.19
C PRO D 124 42.83 -27.87 4.71
N PRO D 125 42.50 -28.95 4.02
CA PRO D 125 41.38 -29.79 4.46
C PRO D 125 41.62 -30.34 5.87
N SER D 126 40.57 -30.33 6.68
CA SER D 126 40.65 -30.80 8.06
C SER D 126 40.95 -32.28 8.10
N SER D 127 41.74 -32.72 9.08
CA SER D 127 42.09 -34.14 9.14
C SER D 127 40.89 -35.03 9.45
N GLU D 128 39.96 -34.47 10.23
CA GLU D 128 38.71 -35.14 10.53
C GLU D 128 37.90 -35.35 9.25
N GLU D 129 37.84 -34.29 8.45
CA GLU D 129 37.16 -34.27 7.15
C GLU D 129 37.78 -35.30 6.21
N LEU D 130 39.11 -35.32 6.15
CA LEU D 130 39.85 -36.26 5.32
C LEU D 130 39.50 -37.70 5.65
N GLN D 131 39.28 -38.00 6.93
CA GLN D 131 38.85 -39.33 7.36
C GLN D 131 37.51 -39.75 6.70
N ALA D 132 36.67 -38.77 6.33
CA ALA D 132 35.38 -38.98 5.68
C ALA D 132 35.49 -39.20 4.16
N ASN D 133 36.72 -39.27 3.63
CA ASN D 133 37.01 -39.44 2.19
C ASN D 133 36.60 -38.23 1.37
N LYS D 134 36.62 -37.05 2.01
CA LYS D 134 36.29 -35.79 1.34
C LYS D 134 37.36 -34.78 1.69
N ALA D 135 37.51 -33.75 0.87
CA ALA D 135 38.57 -32.79 1.14
C ALA D 135 38.27 -31.44 0.55
N THR D 136 38.11 -30.42 1.41
CA THR D 136 37.90 -29.12 0.83
C THR D 136 38.87 -28.08 1.37
N LEU D 137 39.27 -27.17 0.49
CA LEU D 137 40.16 -26.08 0.84
C LEU D 137 39.29 -24.86 1.06
N VAL D 138 39.57 -24.13 2.14
CA VAL D 138 38.78 -22.96 2.48
C VAL D 138 39.56 -21.68 2.31
N CYS D 139 39.20 -20.92 1.28
CA CYS D 139 39.84 -19.64 0.95
C CYS D 139 38.90 -18.57 1.47
N LEU D 140 39.39 -17.70 2.35
CA LEU D 140 38.53 -16.69 2.94
C LEU D 140 39.08 -15.28 2.85
N ILE D 141 38.42 -14.44 2.04
CA ILE D 141 38.85 -13.06 1.91
C ILE D 141 37.75 -12.11 2.34
N SER D 142 38.04 -11.26 3.31
CA SER D 142 37.04 -10.32 3.79
C SER D 142 37.59 -8.91 3.71
N ASP D 143 37.04 -8.02 4.58
CA ASP D 143 37.37 -6.62 4.78
C ASP D 143 37.94 -5.94 3.53
N PHE D 144 37.15 -5.90 2.44
CA PHE D 144 37.64 -5.23 1.23
C PHE D 144 36.60 -4.32 0.55
N TYR D 145 37.05 -3.40 -0.29
CA TYR D 145 36.11 -2.50 -0.97
C TYR D 145 36.75 -1.96 -2.22
N PRO D 146 36.04 -1.97 -3.34
CA PRO D 146 34.66 -2.38 -3.54
C PRO D 146 34.46 -3.89 -3.61
N GLY D 147 33.21 -4.32 -3.59
CA GLY D 147 32.87 -5.74 -3.64
C GLY D 147 33.12 -6.44 -4.99
N ALA D 148 34.40 -6.66 -5.33
CA ALA D 148 34.76 -7.35 -6.57
C ALA D 148 36.13 -8.03 -6.50
N VAL D 149 36.15 -9.37 -6.63
CA VAL D 149 37.40 -10.12 -6.58
C VAL D 149 37.45 -11.33 -7.53
N THR D 150 38.67 -11.71 -7.92
CA THR D 150 38.89 -12.87 -8.80
C THR D 150 39.65 -13.96 -8.06
N VAL D 151 39.11 -15.16 -8.03
CA VAL D 151 39.73 -16.28 -7.33
C VAL D 151 40.31 -17.33 -8.27
N ALA D 152 41.59 -17.63 -8.10
CA ALA D 152 42.28 -18.62 -8.93
C ALA D 152 42.89 -19.74 -8.09
N TRP D 153 42.66 -20.98 -8.52
CA TRP D 153 43.18 -22.16 -7.83
C TRP D 153 44.18 -22.88 -8.71
N LYS D 154 45.34 -23.21 -8.16
CA LYS D 154 46.37 -23.90 -8.95
C LYS D 154 47.12 -24.99 -8.20
N ALA D 155 47.04 -26.21 -8.72
CA ALA D 155 47.75 -27.34 -8.17
C ALA D 155 49.16 -27.06 -8.60
N ASP D 156 50.06 -26.93 -7.63
CA ASP D 156 51.46 -26.58 -7.88
C ASP D 156 51.44 -25.29 -8.69
N SER D 157 52.13 -25.27 -9.81
CA SER D 157 52.16 -24.09 -10.67
C SER D 157 51.11 -24.14 -11.78
N SER D 158 50.27 -25.17 -11.79
CA SER D 158 49.28 -25.30 -12.88
C SER D 158 47.82 -25.06 -12.42
N PRO D 159 47.16 -23.95 -12.83
CA PRO D 159 45.81 -23.61 -12.44
C PRO D 159 44.77 -24.51 -13.04
N ILE D 160 43.75 -24.84 -12.24
CA ILE D 160 42.67 -25.71 -12.68
C ILE D 160 41.32 -25.20 -12.18
N LYS D 161 40.46 -24.83 -13.13
CA LYS D 161 39.12 -24.33 -12.80
C LYS D 161 38.11 -25.47 -12.74
N ALA D 162 38.21 -26.26 -11.67
CA ALA D 162 37.31 -27.37 -11.47
C ALA D 162 37.11 -27.62 -9.99
N GLY D 163 35.88 -28.00 -9.61
CA GLY D 163 35.58 -28.28 -8.20
C GLY D 163 35.44 -26.99 -7.38
N VAL D 164 35.22 -25.85 -8.04
CA VAL D 164 35.18 -24.57 -7.35
C VAL D 164 33.77 -24.01 -7.06
N GLU D 165 33.54 -23.70 -5.78
CA GLU D 165 32.30 -23.09 -5.29
C GLU D 165 32.62 -21.74 -4.66
N THR D 166 32.42 -20.65 -5.40
CA THR D 166 32.77 -19.32 -4.89
C THR D 166 31.54 -18.43 -4.63
N THR D 167 31.56 -17.70 -3.52
CA THR D 167 30.45 -16.82 -3.12
C THR D 167 30.51 -15.46 -3.80
N THR D 168 29.43 -14.71 -3.61
CA THR D 168 29.31 -13.31 -4.04
C THR D 168 29.66 -12.43 -2.83
N PRO D 169 30.42 -11.35 -3.00
CA PRO D 169 30.75 -10.46 -1.92
C PRO D 169 29.55 -9.97 -1.15
N SER D 170 29.71 -9.80 0.14
CA SER D 170 28.64 -9.29 0.98
C SER D 170 29.24 -8.43 2.07
N LYS D 171 28.69 -7.23 2.27
CA LYS D 171 29.32 -6.37 3.24
C LYS D 171 29.04 -6.76 4.67
N GLN D 172 30.00 -6.46 5.52
CA GLN D 172 29.98 -6.72 6.94
C GLN D 172 29.52 -5.47 7.65
N SER D 173 29.49 -5.49 8.98
CA SER D 173 29.04 -4.32 9.76
C SER D 173 29.88 -3.06 9.51
N ASN D 174 31.13 -3.26 9.06
CA ASN D 174 32.02 -2.16 8.71
C ASN D 174 31.84 -1.68 7.25
N ASN D 175 30.85 -2.25 6.56
CA ASN D 175 30.48 -1.95 5.18
C ASN D 175 31.51 -2.36 4.14
N LYS D 176 32.46 -3.18 4.57
CA LYS D 176 33.45 -3.73 3.67
C LYS D 176 33.02 -5.14 3.34
N TYR D 177 33.29 -5.56 2.13
CA TYR D 177 32.81 -6.84 1.64
C TYR D 177 33.60 -8.03 2.16
N ALA D 178 32.99 -9.20 2.02
CA ALA D 178 33.60 -10.48 2.40
C ALA D 178 33.18 -11.59 1.42
N ALA D 179 34.11 -12.45 1.04
CA ALA D 179 33.81 -13.55 0.09
C ALA D 179 34.60 -14.83 0.37
N SER D 180 33.95 -15.98 0.23
CA SER D 180 34.60 -17.23 0.53
C SER D 180 34.61 -18.16 -0.69
N SER D 181 35.68 -18.92 -0.84
CA SER D 181 35.79 -19.85 -1.96
C SER D 181 36.14 -21.24 -1.47
N TYR D 182 35.48 -22.26 -2.03
CA TYR D 182 35.74 -23.61 -1.61
C TYR D 182 36.22 -24.46 -2.77
N LEU D 183 37.24 -25.29 -2.53
CA LEU D 183 37.77 -26.17 -3.58
C LEU D 183 37.53 -27.62 -3.18
N SER D 184 36.71 -28.34 -3.94
CA SER D 184 36.35 -29.71 -3.61
C SER D 184 37.19 -30.73 -4.35
N LEU D 185 38.06 -31.41 -3.59
CA LEU D 185 38.96 -32.44 -4.11
C LEU D 185 38.72 -33.77 -3.43
N THR D 186 39.31 -34.82 -4.00
CA THR D 186 39.36 -36.06 -3.27
C THR D 186 40.70 -35.97 -2.51
N PRO D 187 40.83 -36.61 -1.35
CA PRO D 187 42.03 -36.56 -0.55
C PRO D 187 43.33 -36.90 -1.31
N GLU D 188 43.22 -37.79 -2.30
CA GLU D 188 44.35 -38.19 -3.12
C GLU D 188 44.87 -37.08 -4.02
N GLN D 189 43.98 -36.18 -4.45
CA GLN D 189 44.41 -35.06 -5.28
C GLN D 189 45.16 -34.08 -4.41
N TRP D 190 44.66 -33.87 -3.19
CA TRP D 190 45.31 -33.03 -2.21
C TRP D 190 46.74 -33.52 -1.95
N LYS D 191 46.88 -34.82 -1.76
CA LYS D 191 48.16 -35.46 -1.55
C LYS D 191 49.08 -35.44 -2.76
N SER D 192 48.53 -35.75 -3.95
CA SER D 192 49.30 -35.84 -5.18
C SER D 192 50.16 -34.63 -5.47
N HIS D 193 49.61 -33.44 -5.30
CA HIS D 193 50.37 -32.24 -5.62
C HIS D 193 51.18 -31.69 -4.45
N ARG D 194 52.27 -31.00 -4.79
CA ARG D 194 53.23 -30.48 -3.81
C ARG D 194 52.58 -29.44 -2.94
N SER D 195 51.88 -28.52 -3.59
CA SER D 195 51.23 -27.42 -2.91
C SER D 195 50.08 -26.86 -3.70
N TYR D 196 49.07 -26.39 -2.99
CA TYR D 196 47.92 -25.73 -3.60
C TYR D 196 47.90 -24.26 -3.27
N SER D 197 47.50 -23.45 -4.24
CA SER D 197 47.51 -22.02 -4.00
C SER D 197 46.23 -21.32 -4.45
N CYS D 198 45.68 -20.54 -3.53
CA CYS D 198 44.49 -19.78 -3.81
C CYS D 198 44.97 -18.34 -3.88
N GLN D 199 44.73 -17.69 -5.02
CA GLN D 199 45.17 -16.32 -5.20
C GLN D 199 43.99 -15.43 -5.53
N VAL D 200 43.91 -14.28 -4.85
CA VAL D 200 42.82 -13.36 -5.11
C VAL D 200 43.34 -12.04 -5.65
N THR D 201 42.76 -11.59 -6.76
CA THR D 201 43.19 -10.34 -7.39
C THR D 201 42.25 -9.16 -7.16
N HIS D 202 42.74 -8.19 -6.39
CA HIS D 202 42.00 -6.96 -6.08
C HIS D 202 42.86 -5.71 -6.29
N GLU D 203 42.33 -4.70 -6.98
CA GLU D 203 43.05 -3.45 -7.23
C GLU D 203 44.46 -3.57 -7.83
N GLY D 204 44.61 -4.48 -8.79
CA GLY D 204 45.88 -4.68 -9.48
C GLY D 204 46.97 -5.28 -8.63
N SER D 205 46.63 -5.55 -7.39
CA SER D 205 47.56 -6.17 -6.46
C SER D 205 46.96 -7.59 -6.18
N THR D 206 47.71 -8.71 -6.38
CA THR D 206 47.25 -10.12 -6.23
C THR D 206 47.92 -10.70 -4.93
N VAL D 207 47.15 -11.28 -3.97
CA VAL D 207 47.67 -11.92 -2.72
C VAL D 207 47.65 -13.40 -3.02
N GLU D 208 48.79 -14.04 -2.91
CA GLU D 208 48.87 -15.51 -3.26
C GLU D 208 49.24 -16.44 -2.04
N LYS D 209 48.31 -16.72 -1.10
CA LYS D 209 48.60 -17.62 0.07
C LYS D 209 48.72 -19.08 -0.45
N THR D 210 49.45 -19.97 0.23
CA THR D 210 49.61 -21.36 -0.20
C THR D 210 49.61 -22.38 0.95
N VAL D 211 49.19 -23.61 0.67
CA VAL D 211 49.18 -24.68 1.67
C VAL D 211 49.71 -25.96 1.06
N ALA D 212 50.08 -26.90 1.90
CA ALA D 212 50.61 -28.17 1.41
C ALA D 212 50.28 -29.28 2.42
N PRO D 213 50.26 -30.56 1.97
CA PRO D 213 50.00 -31.70 2.83
C PRO D 213 51.03 -31.91 3.95
N THR D 214 50.89 -31.12 5.03
CA THR D 214 51.75 -31.22 6.21
C THR D 214 51.01 -31.75 7.43
N GLU D 215 51.21 -33.03 7.73
CA GLU D 215 50.60 -33.66 8.90
C GLU D 215 51.34 -33.35 10.19
N CYS D 216 50.58 -33.11 11.25
CA CYS D 216 51.16 -32.90 12.57
C CYS D 216 50.12 -33.15 13.65
#